data_9GF9
#
_entry.id   9GF9
#
_cell.length_a   44.232
_cell.length_b   44.358
_cell.length_c   93.694
_cell.angle_alpha   88.19
_cell.angle_beta   87.8
_cell.angle_gamma   67.11
#
_symmetry.space_group_name_H-M   'P 1'
#
loop_
_entity.id
_entity.type
_entity.pdbx_description
1 polymer 'Ribonuclease pancreatic'
2 polymer 'Ribonuclease pancreatic'
3 non-polymer 'SULFATE ION'
4 water water
#
loop_
_entity_poly.entity_id
_entity_poly.type
_entity_poly.pdbx_seq_one_letter_code
_entity_poly.pdbx_strand_id
1 'polypeptide(L)'
;NYCNQMMKSRNLTKDRCKPVNTFVHESLADVQAVCSQKNVACKNGQTNCYQSYSTMSITDCRETGSSKYPNCAYKTTQAN
KHIIVACEGNPYVPVHFDASV
;
A,B,C,D,E,F
2 'polypeptide(L)' (ACE)KETAAA(NLE)FE(HRG)QHMDS(NH2) G,H,I,J,K,L
#
loop_
_chem_comp.id
_chem_comp.type
_chem_comp.name
_chem_comp.formula
ACE non-polymer 'ACETYL GROUP' 'C2 H4 O'
NH2 non-polymer 'AMINO GROUP' 'H2 N'
SO4 non-polymer 'SULFATE ION' 'O4 S -2'
#
# COMPACT_ATOMS: atom_id res chain seq x y z
N ASN A 1 -5.88 21.36 -3.45
CA ASN A 1 -5.16 20.27 -2.81
C ASN A 1 -6.14 19.46 -2.00
N TYR A 2 -6.45 18.26 -2.46
CA TYR A 2 -7.37 17.35 -1.78
C TYR A 2 -7.10 17.21 -0.25
N CYS A 3 -5.83 16.93 0.15
CA CYS A 3 -5.55 16.71 1.56
C CYS A 3 -5.76 17.96 2.38
N ASN A 4 -5.32 19.15 1.90
CA ASN A 4 -5.57 20.39 2.62
C ASN A 4 -7.06 20.62 2.82
N GLN A 5 -7.88 20.38 1.78
CA GLN A 5 -9.32 20.57 1.87
C GLN A 5 -10.00 19.56 2.82
N MET A 6 -9.79 18.25 2.59
CA MET A 6 -10.38 17.17 3.37
C MET A 6 -9.91 17.12 4.83
N MET A 7 -8.59 17.31 5.10
CA MET A 7 -8.11 17.33 6.47
C MET A 7 -8.79 18.50 7.26
N LYS A 8 -8.99 19.63 6.61
CA LYS A 8 -9.66 20.77 7.25
C LYS A 8 -11.16 20.54 7.44
N SER A 9 -11.82 20.07 6.39
CA SER A 9 -13.26 19.82 6.44
C SER A 9 -13.63 18.77 7.48
N ARG A 10 -12.76 17.76 7.68
CA ARG A 10 -13.06 16.68 8.61
C ARG A 10 -12.54 16.90 10.04
N ASN A 11 -12.20 18.17 10.39
N ASN A 11 -12.21 18.14 10.41
CA ASN A 11 -11.79 18.63 11.73
CA ASN A 11 -11.76 18.48 11.77
C ASN A 11 -10.35 18.25 12.11
C ASN A 11 -10.46 17.81 12.17
N LEU A 12 -9.59 17.62 11.20
CA LEU A 12 -8.26 17.10 11.46
C LEU A 12 -7.18 18.18 11.52
N THR A 13 -7.53 19.47 11.37
CA THR A 13 -6.59 20.58 11.49
C THR A 13 -7.06 21.68 12.47
N LYS A 14 -8.11 21.43 13.27
CA LYS A 14 -8.61 22.44 14.18
C LYS A 14 -7.89 22.45 15.53
N ASP A 15 -7.87 21.33 16.25
CA ASP A 15 -7.20 21.25 17.55
C ASP A 15 -5.69 21.01 17.47
N ARG A 16 -5.22 20.48 16.34
N ARG A 16 -5.22 20.48 16.34
CA ARG A 16 -3.82 20.17 16.00
CA ARG A 16 -3.83 20.18 15.99
C ARG A 16 -3.76 19.71 14.52
C ARG A 16 -3.76 19.72 14.52
N CYS A 17 -2.55 19.71 13.91
CA CYS A 17 -2.43 19.20 12.54
C CYS A 17 -2.25 17.73 12.73
N LYS A 18 -3.19 16.89 12.26
CA LYS A 18 -3.01 15.44 12.39
C LYS A 18 -1.89 15.09 11.38
N PRO A 19 -0.74 14.57 11.83
CA PRO A 19 0.40 14.44 10.89
C PRO A 19 0.07 13.55 9.70
N VAL A 20 -0.56 12.41 9.93
CA VAL A 20 -0.89 11.50 8.83
C VAL A 20 -2.32 10.99 9.01
N ASN A 21 -3.02 10.86 7.90
CA ASN A 21 -4.39 10.31 7.92
C ASN A 21 -4.70 9.67 6.57
N THR A 22 -5.46 8.57 6.55
CA THR A 22 -5.84 7.94 5.28
C THR A 22 -7.34 8.11 5.02
N PHE A 23 -7.73 8.51 3.81
CA PHE A 23 -9.13 8.53 3.40
C PHE A 23 -9.40 7.31 2.48
N VAL A 24 -10.60 6.70 2.57
CA VAL A 24 -10.98 5.51 1.80
C VAL A 24 -12.06 5.89 0.82
N HIS A 25 -11.77 5.74 -0.49
CA HIS A 25 -12.73 6.07 -1.54
C HIS A 25 -13.55 4.82 -1.87
N GLU A 26 -14.36 4.37 -0.92
CA GLU A 26 -15.28 3.23 -1.09
C GLU A 26 -16.59 3.54 -0.29
N SER A 27 -17.64 2.73 -0.44
CA SER A 27 -18.87 2.95 0.34
C SER A 27 -18.61 2.59 1.80
N LEU A 28 -19.38 3.18 2.73
CA LEU A 28 -19.29 2.84 4.13
C LEU A 28 -19.60 1.36 4.33
N ALA A 29 -20.64 0.86 3.61
CA ALA A 29 -21.00 -0.55 3.76
C ALA A 29 -19.83 -1.48 3.36
N ASP A 30 -19.04 -1.11 2.33
CA ASP A 30 -17.92 -1.97 1.94
C ASP A 30 -16.74 -1.95 2.93
N VAL A 31 -16.60 -0.85 3.65
CA VAL A 31 -15.56 -0.76 4.68
C VAL A 31 -16.05 -1.49 5.93
N GLN A 32 -17.34 -1.34 6.29
CA GLN A 32 -17.91 -2.04 7.46
C GLN A 32 -17.83 -3.59 7.27
N ALA A 33 -17.97 -4.04 6.01
CA ALA A 33 -17.87 -5.45 5.62
C ALA A 33 -16.51 -6.06 5.98
N VAL A 34 -15.45 -5.25 6.02
CA VAL A 34 -14.12 -5.76 6.38
C VAL A 34 -14.08 -6.41 7.78
N CYS A 35 -14.97 -5.98 8.69
CA CYS A 35 -15.03 -6.53 10.04
C CYS A 35 -15.47 -8.01 10.10
N SER A 36 -15.83 -8.64 8.96
CA SER A 36 -16.10 -10.07 8.95
C SER A 36 -15.16 -10.78 7.96
N GLN A 37 -14.05 -10.15 7.59
CA GLN A 37 -13.13 -10.72 6.64
C GLN A 37 -11.94 -11.37 7.38
N LYS A 38 -10.68 -11.11 7.03
CA LYS A 38 -9.56 -11.83 7.63
C LYS A 38 -9.17 -11.29 8.97
N ASN A 39 -9.31 -12.10 10.03
CA ASN A 39 -8.90 -11.69 11.37
C ASN A 39 -7.35 -11.72 11.45
N VAL A 40 -6.74 -10.63 11.91
CA VAL A 40 -5.28 -10.48 11.99
C VAL A 40 -4.94 -9.73 13.28
N ALA A 41 -3.67 -9.81 13.75
CA ALA A 41 -3.27 -9.02 14.91
C ALA A 41 -3.12 -7.55 14.50
N CYS A 42 -3.41 -6.65 15.44
CA CYS A 42 -3.21 -5.21 15.30
C CYS A 42 -1.75 -4.92 15.64
N LYS A 43 -1.26 -3.72 15.27
CA LYS A 43 0.10 -3.32 15.59
C LYS A 43 0.39 -3.39 17.10
N ASN A 44 -0.65 -3.13 17.92
CA ASN A 44 -0.55 -3.15 19.39
C ASN A 44 -0.67 -4.52 20.04
N GLY A 45 -0.75 -5.59 19.27
CA GLY A 45 -0.87 -6.94 19.83
C GLY A 45 -2.28 -7.43 20.06
N GLN A 46 -3.28 -6.54 20.02
CA GLN A 46 -4.67 -6.96 20.18
C GLN A 46 -5.13 -7.72 18.92
N THR A 47 -6.13 -8.62 19.03
CA THR A 47 -6.54 -9.43 17.87
C THR A 47 -7.94 -9.05 17.33
N ASN A 48 -8.35 -7.78 17.49
CA ASN A 48 -9.62 -7.30 16.93
C ASN A 48 -9.40 -6.59 15.56
N CYS A 49 -8.26 -6.87 14.87
CA CYS A 49 -8.05 -6.26 13.56
C CYS A 49 -8.49 -7.17 12.44
N TYR A 50 -8.95 -6.56 11.34
CA TYR A 50 -9.43 -7.25 10.14
C TYR A 50 -8.83 -6.69 8.87
N GLN A 51 -8.35 -7.58 7.97
CA GLN A 51 -7.73 -7.19 6.73
C GLN A 51 -8.72 -7.47 5.58
N SER A 52 -8.87 -6.52 4.63
CA SER A 52 -9.77 -6.74 3.52
C SER A 52 -9.14 -7.72 2.52
N TYR A 53 -9.95 -8.65 1.97
CA TYR A 53 -9.46 -9.55 0.92
C TYR A 53 -9.03 -8.71 -0.31
N SER A 54 -9.81 -7.68 -0.64
CA SER A 54 -9.54 -6.85 -1.80
C SER A 54 -8.69 -5.64 -1.51
N THR A 55 -8.15 -5.02 -2.57
CA THR A 55 -7.52 -3.70 -2.48
C THR A 55 -8.68 -2.68 -2.56
N MET A 56 -8.42 -1.47 -2.09
CA MET A 56 -9.41 -0.40 -2.06
C MET A 56 -8.72 0.86 -2.44
N SER A 57 -9.46 1.79 -3.08
CA SER A 57 -8.86 3.06 -3.47
C SER A 57 -8.70 3.93 -2.22
N ILE A 58 -7.47 4.28 -1.85
CA ILE A 58 -7.22 5.08 -0.64
C ILE A 58 -6.31 6.28 -0.97
N THR A 59 -6.30 7.27 -0.07
CA THR A 59 -5.46 8.44 -0.24
C THR A 59 -4.77 8.71 1.09
N ASP A 60 -3.46 8.81 1.11
CA ASP A 60 -2.71 9.10 2.32
C ASP A 60 -2.35 10.56 2.33
N CYS A 61 -2.77 11.24 3.39
CA CYS A 61 -2.49 12.65 3.63
C CYS A 61 -1.39 12.72 4.66
N ARG A 62 -0.31 13.38 4.35
CA ARG A 62 0.83 13.46 5.24
C ARG A 62 1.32 14.88 5.22
N GLU A 63 1.46 15.46 6.40
CA GLU A 63 1.95 16.83 6.62
C GLU A 63 3.32 17.03 5.96
N THR A 64 3.55 18.20 5.36
CA THR A 64 4.87 18.50 4.77
C THR A 64 5.89 18.66 5.92
N GLY A 65 7.18 18.67 5.59
CA GLY A 65 8.22 18.86 6.60
C GLY A 65 8.20 20.23 7.27
N SER A 66 7.68 21.24 6.59
CA SER A 66 7.63 22.61 7.12
C SER A 66 6.32 22.98 7.81
N SER A 67 5.26 22.15 7.65
CA SER A 67 3.95 22.38 8.22
C SER A 67 3.92 22.53 9.75
N LYS A 68 3.17 23.54 10.25
CA LYS A 68 2.99 23.74 11.68
C LYS A 68 1.66 24.41 12.01
N TYR A 69 1.03 23.93 13.08
CA TYR A 69 -0.22 24.43 13.61
C TYR A 69 -0.17 25.94 13.88
N PRO A 70 -1.19 26.72 13.48
CA PRO A 70 -2.46 26.28 12.89
C PRO A 70 -2.46 26.14 11.36
N ASN A 71 -1.43 26.64 10.65
CA ASN A 71 -1.40 26.54 9.18
C ASN A 71 -0.94 25.13 8.69
N CYS A 72 -1.83 24.15 8.84
CA CYS A 72 -1.52 22.79 8.43
C CYS A 72 -1.41 22.68 6.89
N ALA A 73 -0.44 21.89 6.38
CA ALA A 73 -0.24 21.70 4.95
C ALA A 73 0.13 20.24 4.68
N TYR A 74 -0.36 19.68 3.57
CA TYR A 74 -0.25 18.25 3.30
C TYR A 74 0.20 17.87 1.86
N LYS A 75 0.76 16.67 1.72
CA LYS A 75 1.06 16.09 0.43
C LYS A 75 0.14 14.87 0.28
N THR A 76 -0.34 14.64 -0.90
CA THR A 76 -1.30 13.60 -1.19
C THR A 76 -0.68 12.46 -1.94
N THR A 77 -0.89 11.21 -1.48
CA THR A 77 -0.36 10.06 -2.18
C THR A 77 -1.48 9.05 -2.34
N GLN A 78 -1.74 8.64 -3.58
CA GLN A 78 -2.77 7.66 -3.93
C GLN A 78 -2.24 6.27 -3.92
N ALA A 79 -3.11 5.34 -3.56
CA ALA A 79 -2.76 3.93 -3.53
C ALA A 79 -3.99 3.09 -3.72
N ASN A 80 -3.80 1.85 -4.18
CA ASN A 80 -4.85 0.88 -4.27
C ASN A 80 -4.34 -0.25 -3.45
N LYS A 81 -4.75 -0.35 -2.17
CA LYS A 81 -4.23 -1.35 -1.24
C LYS A 81 -5.27 -1.97 -0.31
N HIS A 82 -4.95 -3.13 0.27
CA HIS A 82 -5.81 -3.82 1.23
C HIS A 82 -5.81 -2.98 2.52
N ILE A 83 -6.97 -2.82 3.20
CA ILE A 83 -6.99 -2.05 4.44
C ILE A 83 -7.02 -2.98 5.63
N ILE A 84 -6.54 -2.49 6.78
CA ILE A 84 -6.61 -3.18 8.06
C ILE A 84 -7.27 -2.24 9.03
N VAL A 85 -8.39 -2.68 9.61
CA VAL A 85 -9.10 -1.84 10.58
C VAL A 85 -9.30 -2.57 11.91
N ALA A 86 -9.37 -1.83 13.03
CA ALA A 86 -9.71 -2.45 14.32
C ALA A 86 -11.25 -2.35 14.43
N CYS A 87 -11.89 -3.43 14.87
CA CYS A 87 -13.35 -3.51 14.98
C CYS A 87 -13.80 -3.72 16.40
N GLU A 88 -14.94 -3.13 16.75
CA GLU A 88 -15.46 -3.22 18.11
C GLU A 88 -16.98 -2.94 18.15
N GLY A 89 -17.64 -3.53 19.15
CA GLY A 89 -19.03 -3.24 19.45
C GLY A 89 -20.11 -4.15 18.92
N ASN A 90 -21.36 -3.73 19.17
CA ASN A 90 -22.57 -4.39 18.66
C ASN A 90 -23.42 -3.23 18.10
N PRO A 91 -23.48 -3.01 16.79
CA PRO A 91 -22.87 -3.79 15.69
C PRO A 91 -21.35 -3.69 15.68
N TYR A 92 -20.70 -4.78 15.23
CA TYR A 92 -19.23 -4.91 15.18
C TYR A 92 -18.73 -4.16 13.96
N VAL A 93 -18.21 -2.94 14.20
CA VAL A 93 -17.86 -1.96 13.18
C VAL A 93 -16.44 -1.38 13.31
N PRO A 94 -15.90 -0.80 12.22
CA PRO A 94 -14.56 -0.20 12.32
C PRO A 94 -14.49 0.99 13.28
N VAL A 95 -13.50 0.95 14.19
CA VAL A 95 -13.25 2.02 15.16
C VAL A 95 -11.82 2.65 15.00
N HIS A 96 -10.91 2.00 14.24
CA HIS A 96 -9.58 2.58 13.99
C HIS A 96 -9.03 2.06 12.69
N PHE A 97 -8.27 2.89 11.99
CA PHE A 97 -7.61 2.51 10.76
C PHE A 97 -6.20 2.09 11.15
N ASP A 98 -5.88 0.79 11.12
CA ASP A 98 -4.57 0.30 11.56
C ASP A 98 -3.48 0.47 10.51
N ALA A 99 -3.73 0.09 9.25
CA ALA A 99 -2.70 0.14 8.19
C ALA A 99 -3.29 -0.18 6.81
N SER A 100 -2.50 0.03 5.74
CA SER A 100 -2.80 -0.40 4.40
C SER A 100 -1.64 -1.33 4.02
N VAL A 101 -1.92 -2.38 3.26
CA VAL A 101 -0.87 -3.30 2.80
C VAL A 101 -1.08 -3.74 1.35
N ASN B 1 5.79 -19.35 6.10
CA ASN B 1 7.11 -19.89 5.82
C ASN B 1 8.20 -18.81 5.86
N TYR B 2 8.30 -17.90 4.85
CA TYR B 2 9.31 -16.82 4.86
C TYR B 2 9.08 -15.96 6.10
N CYS B 3 7.85 -15.55 6.40
CA CYS B 3 7.60 -14.69 7.56
C CYS B 3 7.98 -15.37 8.87
N ASN B 4 7.54 -16.62 9.07
CA ASN B 4 7.84 -17.35 10.30
C ASN B 4 9.34 -17.52 10.47
N GLN B 5 10.06 -17.85 9.37
CA GLN B 5 11.50 -18.03 9.45
C GLN B 5 12.23 -16.69 9.69
N MET B 6 11.90 -15.63 8.92
CA MET B 6 12.60 -14.37 8.98
C MET B 6 12.31 -13.58 10.26
N MET B 7 11.09 -13.65 10.77
CA MET B 7 10.77 -12.97 12.05
C MET B 7 11.60 -13.68 13.17
N LYS B 8 11.74 -15.01 13.10
CA LYS B 8 12.55 -15.75 14.07
C LYS B 8 14.06 -15.45 13.91
N SER B 9 14.54 -15.48 12.68
N SER B 9 14.56 -15.49 12.67
CA SER B 9 15.94 -15.26 12.38
CA SER B 9 15.98 -15.27 12.40
C SER B 9 16.43 -13.88 12.78
C SER B 9 16.46 -13.87 12.76
N ARG B 10 15.58 -12.87 12.64
CA ARG B 10 15.95 -11.50 12.95
C ARG B 10 15.64 -11.07 14.40
N ASN B 11 15.40 -12.06 15.32
N ASN B 11 15.39 -12.04 15.29
CA ASN B 11 15.17 -11.82 16.77
CA ASN B 11 15.13 -11.81 16.72
C ASN B 11 13.75 -11.35 17.14
C ASN B 11 13.88 -10.98 16.96
N LEU B 12 12.86 -11.24 16.15
CA LEU B 12 11.51 -10.68 16.29
C LEU B 12 10.50 -11.65 16.94
N THR B 13 10.92 -12.85 17.35
CA THR B 13 10.05 -13.77 18.11
C THR B 13 10.79 -14.33 19.35
N LYS B 14 11.86 -13.69 19.80
CA LYS B 14 12.72 -14.24 20.84
C LYS B 14 12.02 -14.44 22.18
N ASP B 15 11.44 -13.39 22.72
CA ASP B 15 10.76 -13.45 24.02
C ASP B 15 9.25 -13.17 23.91
N ARG B 16 8.79 -12.67 22.74
CA ARG B 16 7.39 -12.37 22.42
C ARG B 16 7.22 -12.39 20.89
N CYS B 17 5.97 -12.60 20.38
CA CYS B 17 5.78 -12.54 18.94
C CYS B 17 5.60 -11.07 18.62
N LYS B 18 6.49 -10.45 17.81
CA LYS B 18 6.28 -9.06 17.42
C LYS B 18 5.06 -9.07 16.44
N PRO B 19 4.02 -8.28 16.71
CA PRO B 19 2.77 -8.41 15.93
C PRO B 19 2.87 -8.12 14.43
N VAL B 20 3.57 -7.06 14.02
CA VAL B 20 3.70 -6.68 12.62
C VAL B 20 5.13 -6.24 12.28
N ASN B 21 5.64 -6.63 11.12
CA ASN B 21 6.96 -6.17 10.65
C ASN B 21 7.01 -6.13 9.15
N THR B 22 7.73 -5.15 8.61
CA THR B 22 7.91 -5.05 7.18
C THR B 22 9.34 -5.35 6.79
N PHE B 23 9.52 -6.24 5.84
CA PHE B 23 10.82 -6.55 5.27
C PHE B 23 10.94 -5.91 3.87
N VAL B 24 12.06 -5.23 3.58
CA VAL B 24 12.28 -4.56 2.32
C VAL B 24 13.23 -5.35 1.46
N HIS B 25 12.74 -5.81 0.28
CA HIS B 25 13.55 -6.57 -0.67
C HIS B 25 14.24 -5.65 -1.66
N GLU B 26 15.16 -4.87 -1.16
CA GLU B 26 15.96 -3.97 -1.97
C GLU B 26 17.38 -3.92 -1.37
N SER B 27 18.34 -3.28 -2.06
CA SER B 27 19.69 -3.13 -1.55
C SER B 27 19.70 -2.12 -0.40
N LEU B 28 20.68 -2.25 0.51
CA LEU B 28 20.79 -1.30 1.64
C LEU B 28 21.04 0.10 1.13
N ALA B 29 21.91 0.24 0.12
CA ALA B 29 22.23 1.53 -0.48
C ALA B 29 20.97 2.23 -1.01
N ASP B 30 20.06 1.48 -1.62
CA ASP B 30 18.81 2.04 -2.19
C ASP B 30 17.81 2.51 -1.14
N VAL B 31 17.79 1.83 0.00
CA VAL B 31 16.96 2.27 1.13
C VAL B 31 17.62 3.50 1.78
N GLN B 32 18.95 3.50 1.94
CA GLN B 32 19.67 4.67 2.48
C GLN B 32 19.45 5.90 1.58
N ALA B 33 19.34 5.67 0.26
CA ALA B 33 19.09 6.75 -0.71
C ALA B 33 17.83 7.55 -0.38
N VAL B 34 16.85 6.91 0.28
CA VAL B 34 15.59 7.54 0.62
C VAL B 34 15.80 8.75 1.53
N CYS B 35 16.87 8.76 2.35
CA CYS B 35 17.15 9.90 3.25
C CYS B 35 17.48 11.21 2.53
N SER B 36 17.67 11.17 1.19
CA SER B 36 17.84 12.36 0.38
C SER B 36 16.68 12.58 -0.61
N GLN B 37 15.57 11.85 -0.43
CA GLN B 37 14.43 11.94 -1.33
C GLN B 37 13.40 12.94 -0.71
N LYS B 38 12.09 12.64 -0.64
CA LYS B 38 11.11 13.65 -0.23
C LYS B 38 10.96 13.77 1.27
N ASN B 39 11.24 14.95 1.82
CA ASN B 39 11.06 15.23 3.24
C ASN B 39 9.57 15.36 3.55
N VAL B 40 9.09 14.59 4.54
CA VAL B 40 7.70 14.55 4.99
C VAL B 40 7.67 14.44 6.52
N ALA B 41 6.55 14.79 7.15
CA ALA B 41 6.39 14.61 8.57
C ALA B 41 6.28 13.12 8.88
N CYS B 42 6.70 12.72 10.09
CA CYS B 42 6.52 11.34 10.55
C CYS B 42 5.13 11.26 11.21
N LYS B 43 4.66 10.03 11.45
CA LYS B 43 3.38 9.77 12.13
C LYS B 43 3.34 10.45 13.51
N ASN B 44 4.50 10.59 14.18
CA ASN B 44 4.55 11.21 15.51
C ASN B 44 4.68 12.74 15.54
N GLY B 45 4.60 13.37 14.39
CA GLY B 45 4.73 14.82 14.30
C GLY B 45 6.14 15.32 14.11
N GLN B 46 7.16 14.44 14.26
CA GLN B 46 8.56 14.86 14.00
C GLN B 46 8.73 15.11 12.47
N THR B 47 9.72 15.88 12.05
CA THR B 47 9.85 16.24 10.64
C THR B 47 11.09 15.64 9.92
N ASN B 48 11.65 14.55 10.46
CA ASN B 48 12.83 13.92 9.88
C ASN B 48 12.50 12.69 9.03
N CYS B 49 11.25 12.59 8.53
CA CYS B 49 10.92 11.45 7.69
C CYS B 49 11.11 11.77 6.24
N TYR B 50 11.37 10.75 5.45
CA TYR B 50 11.62 10.83 4.01
C TYR B 50 10.83 9.73 3.31
N GLN B 51 10.14 10.07 2.18
CA GLN B 51 9.33 9.11 1.46
C GLN B 51 10.01 8.82 0.12
N SER B 52 10.05 7.54 -0.32
CA SER B 52 10.71 7.20 -1.57
C SER B 52 9.86 7.66 -2.75
N TYR B 53 10.49 8.10 -3.84
CA TYR B 53 9.76 8.44 -5.07
C TYR B 53 9.19 7.13 -5.65
N SER B 54 10.01 6.07 -5.68
CA SER B 54 9.61 4.77 -6.22
C SER B 54 8.85 3.91 -5.23
N THR B 55 8.22 2.87 -5.75
CA THR B 55 7.70 1.81 -4.91
C THR B 55 8.91 0.85 -4.73
N MET B 56 8.85 0.05 -3.68
CA MET B 56 9.86 -0.96 -3.39
C MET B 56 9.15 -2.26 -3.07
N SER B 57 9.82 -3.38 -3.35
CA SER B 57 9.29 -4.71 -3.11
C SER B 57 9.36 -4.97 -1.62
N ILE B 58 8.21 -5.16 -0.97
CA ILE B 58 8.18 -5.38 0.47
C ILE B 58 7.34 -6.60 0.86
N THR B 59 7.63 -7.14 2.06
CA THR B 59 6.84 -8.24 2.62
C THR B 59 6.34 -7.79 3.97
N ASP B 60 5.04 -7.84 4.18
N ASP B 60 5.02 -7.82 4.20
CA ASP B 60 4.42 -7.53 5.46
CA ASP B 60 4.47 -7.50 5.52
C ASP B 60 4.25 -8.86 6.19
C ASP B 60 4.13 -8.77 6.25
N CYS B 61 4.71 -8.93 7.44
CA CYS B 61 4.53 -10.12 8.26
C CYS B 61 3.64 -9.71 9.40
N ARG B 62 2.46 -10.33 9.50
CA ARG B 62 1.51 -9.95 10.51
C ARG B 62 1.00 -11.17 11.23
N GLU B 63 1.05 -11.11 12.55
CA GLU B 63 0.65 -12.24 13.38
C GLU B 63 -0.79 -12.63 13.15
N THR B 64 -1.04 -13.93 13.14
CA THR B 64 -2.39 -14.44 13.01
C THR B 64 -3.17 -14.14 14.30
N GLY B 65 -4.49 -14.29 14.27
CA GLY B 65 -5.31 -14.09 15.45
C GLY B 65 -5.17 -15.22 16.48
N SER B 66 -4.76 -16.39 16.01
CA SER B 66 -4.55 -17.58 16.83
C SER B 66 -3.11 -17.78 17.33
N SER B 67 -2.16 -17.00 16.83
CA SER B 67 -0.76 -17.14 17.19
C SER B 67 -0.47 -16.87 18.66
N LYS B 68 0.28 -17.77 19.30
CA LYS B 68 0.71 -17.54 20.67
C LYS B 68 2.16 -17.93 20.93
N TYR B 69 2.91 -17.07 21.64
CA TYR B 69 4.30 -17.35 21.99
C TYR B 69 4.42 -18.72 22.75
N PRO B 70 5.39 -19.59 22.45
CA PRO B 70 6.52 -19.41 21.52
C PRO B 70 6.30 -19.86 20.07
N ASN B 71 5.12 -20.39 19.77
CA ASN B 71 4.78 -20.87 18.43
C ASN B 71 4.26 -19.67 17.60
N CYS B 72 5.10 -18.64 17.37
CA CYS B 72 4.64 -17.45 16.65
C CYS B 72 4.31 -17.77 15.21
N ALA B 73 3.11 -17.37 14.78
CA ALA B 73 2.66 -17.66 13.44
C ALA B 73 2.26 -16.37 12.74
N TYR B 74 2.64 -16.23 11.48
CA TYR B 74 2.39 -15.03 10.71
C TYR B 74 1.68 -15.31 9.39
N LYS B 75 0.99 -14.31 8.88
CA LYS B 75 0.40 -14.26 7.57
C LYS B 75 1.32 -13.35 6.76
N THR B 76 1.50 -13.69 5.49
CA THR B 76 2.40 -12.97 4.63
C THR B 76 1.60 -12.19 3.59
N THR B 77 1.95 -10.90 3.39
CA THR B 77 1.31 -10.12 2.34
C THR B 77 2.42 -9.45 1.55
N GLN B 78 2.49 -9.72 0.24
CA GLN B 78 3.47 -9.12 -0.66
C GLN B 78 2.91 -7.83 -1.23
N ALA B 79 3.76 -6.81 -1.39
CA ALA B 79 3.29 -5.53 -1.92
C ALA B 79 4.44 -4.77 -2.57
N ASN B 80 4.12 -3.81 -3.42
CA ASN B 80 5.09 -2.87 -3.94
C ASN B 80 4.60 -1.52 -3.42
N LYS B 81 5.26 -0.97 -2.41
CA LYS B 81 4.83 0.31 -1.84
C LYS B 81 5.99 1.29 -1.68
N HIS B 82 5.66 2.59 -1.62
CA HIS B 82 6.63 3.65 -1.38
C HIS B 82 6.94 3.57 0.09
N ILE B 83 8.22 3.60 0.46
CA ILE B 83 8.56 3.48 1.87
C ILE B 83 8.77 4.85 2.50
N ILE B 84 8.55 4.95 3.81
CA ILE B 84 8.75 6.18 4.54
C ILE B 84 9.62 5.85 5.74
N VAL B 85 10.80 6.47 5.83
CA VAL B 85 11.72 6.17 6.92
C VAL B 85 12.09 7.42 7.71
N ALA B 86 12.37 7.28 9.03
CA ALA B 86 12.88 8.43 9.80
C ALA B 86 14.39 8.40 9.59
N CYS B 87 15.02 9.55 9.37
CA CYS B 87 16.46 9.63 9.10
C CYS B 87 17.18 10.45 10.17
N GLU B 88 18.39 10.03 10.55
CA GLU B 88 19.11 10.69 11.62
C GLU B 88 20.60 10.35 11.60
N GLY B 89 21.39 11.31 12.08
CA GLY B 89 22.82 11.21 12.29
C GLY B 89 23.73 11.64 11.17
N ASN B 90 25.04 11.33 11.33
CA ASN B 90 26.08 11.57 10.33
C ASN B 90 26.89 10.29 10.18
N PRO B 91 26.75 9.51 9.09
CA PRO B 91 25.89 9.75 7.91
C PRO B 91 24.39 9.78 8.22
N TYR B 92 23.62 10.52 7.41
CA TYR B 92 22.17 10.68 7.62
C TYR B 92 21.50 9.45 7.05
N VAL B 93 21.11 8.50 7.93
CA VAL B 93 20.64 7.19 7.51
C VAL B 93 19.28 6.78 8.13
N PRO B 94 18.57 5.77 7.55
CA PRO B 94 17.33 5.28 8.17
C PRO B 94 17.52 4.72 9.58
N VAL B 95 16.72 5.25 10.54
CA VAL B 95 16.73 4.79 11.94
C VAL B 95 15.38 4.19 12.37
N HIS B 96 14.28 4.39 11.59
CA HIS B 96 12.98 3.79 11.92
C HIS B 96 12.16 3.68 10.65
N PHE B 97 11.33 2.66 10.57
CA PHE B 97 10.45 2.46 9.44
C PHE B 97 9.14 3.06 9.85
N ASP B 98 8.72 4.17 9.22
CA ASP B 98 7.49 4.84 9.65
C ASP B 98 6.27 4.21 9.05
N ALA B 99 6.27 4.00 7.74
CA ALA B 99 5.11 3.50 7.03
C ALA B 99 5.49 3.16 5.58
N SER B 100 4.62 2.45 4.89
CA SER B 100 4.73 2.28 3.47
C SER B 100 3.35 2.74 2.93
N VAL B 101 3.33 3.30 1.74
CA VAL B 101 2.11 3.84 1.14
C VAL B 101 2.02 3.42 -0.33
N ASN C 1 -27.12 -18.71 13.29
CA ASN C 1 -27.52 -17.65 12.39
C ASN C 1 -26.31 -17.18 11.56
N TYR C 2 -25.43 -18.12 11.11
CA TYR C 2 -24.26 -17.71 10.30
C TYR C 2 -24.67 -16.97 9.04
N CYS C 3 -25.60 -17.55 8.27
CA CYS C 3 -26.03 -16.95 7.02
C CYS C 3 -26.73 -15.63 7.22
N ASN C 4 -27.61 -15.52 8.23
CA ASN C 4 -28.26 -14.22 8.48
C ASN C 4 -27.24 -13.12 8.76
N GLN C 5 -26.20 -13.43 9.52
CA GLN C 5 -25.17 -12.43 9.86
C GLN C 5 -24.22 -12.14 8.73
N MET C 6 -23.79 -13.19 8.01
CA MET C 6 -22.78 -13.02 6.98
C MET C 6 -23.37 -12.39 5.73
N MET C 7 -24.63 -12.74 5.37
CA MET C 7 -25.28 -12.08 4.22
C MET C 7 -25.46 -10.58 4.53
N LYS C 8 -25.76 -10.23 5.78
CA LYS C 8 -25.92 -8.84 6.18
C LYS C 8 -24.57 -8.11 6.18
N SER C 9 -23.52 -8.71 6.79
N SER C 9 -23.53 -8.72 6.77
CA SER C 9 -22.19 -8.10 6.88
CA SER C 9 -22.20 -8.12 6.87
C SER C 9 -21.60 -7.81 5.51
C SER C 9 -21.54 -7.85 5.55
N ARG C 10 -21.71 -8.76 4.59
CA ARG C 10 -21.15 -8.59 3.26
C ARG C 10 -22.03 -7.80 2.27
N ASN C 11 -23.07 -7.12 2.76
CA ASN C 11 -23.94 -6.22 1.99
C ASN C 11 -24.88 -6.92 1.03
N LEU C 12 -25.11 -8.23 1.21
CA LEU C 12 -26.00 -8.97 0.30
C LEU C 12 -27.50 -8.85 0.64
N THR C 13 -27.84 -8.01 1.63
CA THR C 13 -29.24 -7.78 2.03
C THR C 13 -29.63 -6.28 2.00
N LYS C 14 -28.75 -5.39 1.49
CA LYS C 14 -29.00 -3.96 1.51
C LYS C 14 -30.13 -3.47 0.58
N ASP C 15 -30.08 -3.78 -0.70
CA ASP C 15 -31.11 -3.31 -1.64
C ASP C 15 -32.11 -4.39 -2.07
N ARG C 16 -31.94 -5.61 -1.57
CA ARG C 16 -32.75 -6.79 -1.86
C ARG C 16 -32.20 -7.90 -0.96
N CYS C 17 -32.97 -8.98 -0.76
CA CYS C 17 -32.43 -10.14 -0.09
C CYS C 17 -31.88 -10.96 -1.22
N LYS C 18 -30.54 -11.13 -1.34
CA LYS C 18 -29.99 -11.98 -2.41
C LYS C 18 -30.45 -13.43 -2.10
N PRO C 19 -31.17 -14.09 -3.01
CA PRO C 19 -31.77 -15.38 -2.63
C PRO C 19 -30.79 -16.50 -2.27
N VAL C 20 -29.67 -16.61 -2.99
CA VAL C 20 -28.73 -17.72 -2.81
C VAL C 20 -27.34 -17.18 -2.87
N ASN C 21 -26.45 -17.61 -1.95
CA ASN C 21 -25.04 -17.19 -2.02
C ASN C 21 -24.13 -18.20 -1.30
N THR C 22 -22.92 -18.46 -1.84
CA THR C 22 -22.01 -19.42 -1.22
C THR C 22 -20.80 -18.70 -0.72
N PHE C 23 -20.33 -19.08 0.47
CA PHE C 23 -19.11 -18.59 1.09
C PHE C 23 -18.11 -19.73 1.08
N VAL C 24 -16.89 -19.47 0.63
CA VAL C 24 -15.86 -20.50 0.51
C VAL C 24 -14.87 -20.41 1.68
N HIS C 25 -14.67 -21.52 2.40
CA HIS C 25 -13.79 -21.57 3.57
C HIS C 25 -12.44 -22.17 3.25
N GLU C 26 -11.72 -21.51 2.34
CA GLU C 26 -10.35 -21.79 1.92
C GLU C 26 -9.63 -20.44 1.80
N SER C 27 -8.30 -20.45 1.63
CA SER C 27 -7.57 -19.19 1.50
C SER C 27 -7.92 -18.55 0.16
N LEU C 28 -7.79 -17.22 0.07
CA LEU C 28 -8.01 -16.51 -1.20
C LEU C 28 -7.07 -17.06 -2.25
N ALA C 29 -5.79 -17.36 -1.87
CA ALA C 29 -4.81 -17.91 -2.84
C ALA C 29 -5.29 -19.22 -3.41
N ASP C 30 -5.88 -20.11 -2.59
CA ASP C 30 -6.39 -21.39 -3.09
C ASP C 30 -7.58 -21.24 -4.03
N VAL C 31 -8.42 -20.21 -3.80
CA VAL C 31 -9.56 -19.96 -4.70
C VAL C 31 -9.03 -19.33 -5.99
N GLN C 32 -8.05 -18.41 -5.91
CA GLN C 32 -7.44 -17.81 -7.11
C GLN C 32 -6.73 -18.88 -7.96
N ALA C 33 -6.18 -19.93 -7.31
CA ALA C 33 -5.51 -21.03 -8.04
C ALA C 33 -6.47 -21.78 -9.01
N VAL C 34 -7.79 -21.70 -8.76
CA VAL C 34 -8.80 -22.39 -9.58
C VAL C 34 -8.84 -21.86 -11.00
N CYS C 35 -8.47 -20.58 -11.22
CA CYS C 35 -8.42 -19.98 -12.55
C CYS C 35 -7.42 -20.63 -13.51
N SER C 36 -6.55 -21.53 -12.99
CA SER C 36 -5.63 -22.29 -13.85
C SER C 36 -5.88 -23.81 -13.74
N GLN C 37 -7.08 -24.20 -13.29
CA GLN C 37 -7.41 -25.60 -13.16
C GLN C 37 -8.29 -26.03 -14.37
N LYS C 38 -9.37 -26.80 -14.22
CA LYS C 38 -10.10 -27.34 -15.36
C LYS C 38 -11.02 -26.37 -16.03
N ASN C 39 -10.76 -26.03 -17.29
CA ASN C 39 -11.63 -25.13 -18.03
C ASN C 39 -12.93 -25.85 -18.37
N VAL C 40 -14.06 -25.22 -18.06
CA VAL C 40 -15.40 -25.73 -18.31
C VAL C 40 -16.26 -24.55 -18.83
N ALA C 41 -17.44 -24.86 -19.36
CA ALA C 41 -18.40 -23.87 -19.77
C ALA C 41 -19.08 -23.34 -18.51
N CYS C 42 -19.40 -22.05 -18.48
CA CYS C 42 -20.18 -21.42 -17.42
C CYS C 42 -21.67 -21.77 -17.67
N LYS C 43 -22.54 -21.61 -16.65
CA LYS C 43 -23.98 -21.86 -16.75
C LYS C 43 -24.64 -21.05 -17.87
N ASN C 44 -24.12 -19.83 -18.13
CA ASN C 44 -24.61 -18.94 -19.16
C ASN C 44 -24.06 -19.15 -20.57
N GLY C 45 -23.20 -20.15 -20.76
CA GLY C 45 -22.63 -20.43 -22.07
C GLY C 45 -21.25 -19.85 -22.32
N GLN C 46 -20.81 -18.90 -21.47
CA GLN C 46 -19.46 -18.35 -21.61
C GLN C 46 -18.42 -19.42 -21.26
N THR C 47 -17.21 -19.36 -21.82
CA THR C 47 -16.20 -20.40 -21.64
C THR C 47 -15.05 -20.03 -20.70
N ASN C 48 -15.21 -18.97 -19.89
CA ASN C 48 -14.16 -18.56 -18.97
C ASN C 48 -14.36 -19.14 -17.57
N CYS C 49 -14.98 -20.34 -17.46
CA CYS C 49 -15.18 -20.96 -16.16
C CYS C 49 -14.15 -22.05 -15.88
N TYR C 50 -13.86 -22.25 -14.59
CA TYR C 50 -12.88 -23.22 -14.13
C TYR C 50 -13.38 -23.98 -12.93
N GLN C 51 -13.24 -25.31 -12.96
CA GLN C 51 -13.67 -26.16 -11.86
C GLN C 51 -12.44 -26.61 -11.06
N SER C 52 -12.51 -26.54 -9.73
CA SER C 52 -11.40 -26.96 -8.88
C SER C 52 -11.21 -28.48 -8.94
N TYR C 53 -9.95 -28.97 -8.92
CA TYR C 53 -9.69 -30.42 -8.87
C TYR C 53 -10.25 -30.99 -7.59
N SER C 54 -10.03 -30.28 -6.47
CA SER C 54 -10.44 -30.73 -5.16
C SER C 54 -11.79 -30.17 -4.73
N THR C 55 -12.38 -30.79 -3.70
CA THR C 55 -13.54 -30.22 -3.05
C THR C 55 -13.00 -29.15 -2.09
N MET C 56 -13.86 -28.24 -1.72
CA MET C 56 -13.52 -27.17 -0.79
C MET C 56 -14.63 -27.06 0.21
N SER C 57 -14.30 -26.63 1.42
CA SER C 57 -15.28 -26.41 2.45
C SER C 57 -16.06 -25.15 2.07
N ILE C 58 -17.38 -25.25 1.96
CA ILE C 58 -18.21 -24.08 1.62
C ILE C 58 -19.47 -24.03 2.54
N THR C 59 -20.12 -22.86 2.61
CA THR C 59 -21.41 -22.70 3.30
C THR C 59 -22.38 -22.10 2.30
N ASP C 60 -23.53 -22.76 2.08
CA ASP C 60 -24.55 -22.30 1.15
C ASP C 60 -25.63 -21.59 1.94
N CYS C 61 -25.92 -20.34 1.60
CA CYS C 61 -26.94 -19.53 2.25
C CYS C 61 -28.10 -19.44 1.31
N ARG C 62 -29.28 -19.90 1.73
CA ARG C 62 -30.44 -19.84 0.86
C ARG C 62 -31.60 -19.18 1.60
N GLU C 63 -32.23 -18.19 0.96
CA GLU C 63 -33.34 -17.48 1.57
C GLU C 63 -34.49 -18.44 1.92
N THR C 64 -35.13 -18.23 3.06
CA THR C 64 -36.23 -19.08 3.51
C THR C 64 -37.50 -18.75 2.67
N GLY C 65 -38.51 -19.60 2.78
CA GLY C 65 -39.78 -19.40 2.12
C GLY C 65 -40.49 -18.16 2.61
N SER C 66 -40.35 -17.84 3.90
CA SER C 66 -41.06 -16.68 4.48
C SER C 66 -40.27 -15.38 4.59
N SER C 67 -39.02 -15.39 4.15
CA SER C 67 -38.18 -14.20 4.21
C SER C 67 -38.73 -13.11 3.29
N LYS C 68 -38.69 -11.87 3.75
CA LYS C 68 -39.20 -10.70 3.04
C LYS C 68 -38.38 -9.49 3.43
N TYR C 69 -37.81 -8.79 2.46
CA TYR C 69 -37.02 -7.57 2.66
C TYR C 69 -37.82 -6.53 3.49
N PRO C 70 -37.18 -5.78 4.42
CA PRO C 70 -35.74 -5.76 4.71
C PRO C 70 -35.24 -6.75 5.75
N ASN C 71 -36.13 -7.61 6.27
N ASN C 71 -36.13 -7.61 6.27
CA ASN C 71 -35.74 -8.58 7.29
CA ASN C 71 -35.75 -8.58 7.29
C ASN C 71 -35.39 -9.89 6.62
C ASN C 71 -35.40 -9.89 6.61
N CYS C 72 -34.31 -9.88 5.85
CA CYS C 72 -33.83 -11.04 5.11
C CYS C 72 -33.50 -12.23 6.04
N ALA C 73 -34.06 -13.43 5.75
CA ALA C 73 -33.84 -14.62 6.57
C ALA C 73 -33.30 -15.76 5.70
N TYR C 74 -32.37 -16.53 6.23
CA TYR C 74 -31.65 -17.58 5.48
C TYR C 74 -31.50 -18.90 6.23
N LYS C 75 -31.40 -19.99 5.50
CA LYS C 75 -31.06 -21.28 6.05
C LYS C 75 -29.60 -21.56 5.62
N THR C 76 -28.81 -22.09 6.55
CA THR C 76 -27.40 -22.40 6.38
C THR C 76 -27.18 -23.90 6.07
N THR C 77 -26.45 -24.23 4.98
CA THR C 77 -26.11 -25.62 4.64
C THR C 77 -24.58 -25.73 4.48
N GLN C 78 -23.94 -26.60 5.28
CA GLN C 78 -22.51 -26.80 5.17
C GLN C 78 -22.28 -27.89 4.15
N ALA C 79 -21.21 -27.73 3.36
CA ALA C 79 -20.90 -28.69 2.30
C ALA C 79 -19.40 -28.72 1.98
N ASN C 80 -18.96 -29.81 1.31
CA ASN C 80 -17.60 -29.97 0.83
C ASN C 80 -17.79 -30.35 -0.60
N LYS C 81 -17.61 -29.38 -1.52
CA LYS C 81 -17.84 -29.59 -2.95
C LYS C 81 -16.79 -28.85 -3.80
N HIS C 82 -16.63 -29.26 -5.06
CA HIS C 82 -15.72 -28.60 -6.02
C HIS C 82 -16.37 -27.29 -6.40
N ILE C 83 -15.60 -26.21 -6.54
CA ILE C 83 -16.18 -24.94 -6.97
C ILE C 83 -15.94 -24.66 -8.43
N ILE C 84 -16.82 -23.89 -9.03
CA ILE C 84 -16.69 -23.45 -10.42
C ILE C 84 -16.80 -21.93 -10.42
N VAL C 85 -15.74 -21.21 -10.84
CA VAL C 85 -15.71 -19.75 -10.88
C VAL C 85 -15.46 -19.26 -12.30
N ALA C 86 -15.99 -18.08 -12.62
CA ALA C 86 -15.73 -17.41 -13.88
C ALA C 86 -14.48 -16.53 -13.60
N CYS C 87 -13.47 -16.58 -14.46
CA CYS C 87 -12.22 -15.83 -14.29
C CYS C 87 -12.04 -14.82 -15.41
N GLU C 88 -11.50 -13.65 -15.08
N GLU C 88 -11.49 -13.66 -15.09
CA GLU C 88 -11.30 -12.57 -16.05
CA GLU C 88 -11.30 -12.57 -16.05
C GLU C 88 -10.19 -11.62 -15.56
C GLU C 88 -10.20 -11.61 -15.56
N GLY C 89 -9.51 -10.97 -16.50
CA GLY C 89 -8.53 -9.95 -16.20
C GLY C 89 -7.05 -10.25 -16.26
N ASN C 90 -6.27 -9.21 -15.97
CA ASN C 90 -4.83 -9.29 -15.84
C ASN C 90 -4.52 -8.57 -14.51
N PRO C 91 -4.29 -9.31 -13.40
CA PRO C 91 -4.25 -10.78 -13.26
C PRO C 91 -5.57 -11.50 -13.51
N TYR C 92 -5.48 -12.72 -13.99
CA TYR C 92 -6.64 -13.54 -14.34
C TYR C 92 -7.20 -14.18 -13.09
N VAL C 93 -8.27 -13.56 -12.56
CA VAL C 93 -8.81 -13.90 -11.25
C VAL C 93 -10.31 -14.17 -11.20
N PRO C 94 -10.85 -14.77 -10.12
CA PRO C 94 -12.29 -15.03 -10.07
C PRO C 94 -13.14 -13.75 -10.05
N VAL C 95 -14.18 -13.70 -10.90
CA VAL C 95 -15.10 -12.57 -10.96
C VAL C 95 -16.57 -12.98 -10.65
N HIS C 96 -16.89 -14.29 -10.68
CA HIS C 96 -18.23 -14.77 -10.36
C HIS C 96 -18.12 -16.18 -9.80
N PHE C 97 -19.05 -16.56 -8.95
CA PHE C 97 -19.12 -17.90 -8.39
C PHE C 97 -20.22 -18.57 -9.17
N ASP C 98 -19.87 -19.49 -10.07
CA ASP C 98 -20.85 -20.10 -10.95
C ASP C 98 -21.69 -21.20 -10.32
N ALA C 99 -21.06 -22.18 -9.66
CA ALA C 99 -21.75 -23.33 -9.07
C ALA C 99 -20.76 -24.18 -8.24
N SER C 100 -21.26 -25.20 -7.50
CA SER C 100 -20.46 -26.17 -6.77
C SER C 100 -21.00 -27.56 -7.12
N VAL C 101 -20.08 -28.53 -7.31
CA VAL C 101 -20.43 -29.89 -7.73
C VAL C 101 -19.78 -30.95 -6.81
N ASN D 1 30.01 19.88 -1.94
CA ASN D 1 29.06 20.43 -2.91
C ASN D 1 27.81 19.56 -3.06
N TYR D 2 26.74 20.13 -3.63
CA TYR D 2 25.48 19.42 -3.86
C TYR D 2 25.69 18.17 -4.69
N CYS D 3 26.47 18.25 -5.79
CA CYS D 3 26.65 17.05 -6.66
C CYS D 3 27.46 15.98 -5.99
N ASN D 4 28.51 16.33 -5.24
CA ASN D 4 29.31 15.30 -4.53
C ASN D 4 28.45 14.48 -3.57
N GLN D 5 27.55 15.15 -2.89
CA GLN D 5 26.69 14.52 -1.90
C GLN D 5 25.54 13.77 -2.52
N MET D 6 24.85 14.38 -3.49
CA MET D 6 23.69 13.75 -4.11
C MET D 6 24.08 12.58 -4.98
N MET D 7 25.21 12.67 -5.74
CA MET D 7 25.68 11.52 -6.53
C MET D 7 26.03 10.32 -5.61
N LYS D 8 26.56 10.61 -4.45
CA LYS D 8 26.87 9.59 -3.46
C LYS D 8 25.57 9.02 -2.84
N SER D 9 24.70 9.88 -2.31
N SER D 9 24.69 9.88 -2.32
CA SER D 9 23.42 9.48 -1.71
CA SER D 9 23.40 9.48 -1.70
C SER D 9 22.56 8.62 -2.65
C SER D 9 22.51 8.65 -2.64
N ARG D 10 22.52 8.94 -3.95
CA ARG D 10 21.68 8.20 -4.89
C ARG D 10 22.35 6.97 -5.55
N ASN D 11 23.50 6.56 -5.00
CA ASN D 11 24.28 5.38 -5.41
C ASN D 11 24.86 5.47 -6.80
N LEU D 12 25.14 6.69 -7.26
CA LEU D 12 25.75 6.86 -8.58
C LEU D 12 27.29 6.79 -8.56
N THR D 13 27.88 6.58 -7.39
CA THR D 13 29.32 6.43 -7.22
C THR D 13 29.70 5.05 -6.60
N LYS D 14 28.73 4.10 -6.47
CA LYS D 14 28.93 2.78 -5.84
C LYS D 14 29.95 1.86 -6.56
N ASP D 15 29.72 1.50 -7.84
CA ASP D 15 30.65 0.62 -8.56
C ASP D 15 31.53 1.31 -9.59
N ARG D 16 31.40 2.63 -9.71
CA ARG D 16 32.13 3.49 -10.64
C ARG D 16 31.65 4.92 -10.40
N CYS D 17 32.40 5.92 -10.89
CA CYS D 17 31.94 7.31 -10.79
C CYS D 17 31.13 7.49 -12.03
N LYS D 18 29.80 7.69 -11.94
CA LYS D 18 29.01 7.97 -13.15
C LYS D 18 29.44 9.38 -13.62
N PRO D 19 29.98 9.53 -14.86
CA PRO D 19 30.57 10.81 -15.23
C PRO D 19 29.56 11.96 -15.32
N VAL D 20 28.33 11.70 -15.77
CA VAL D 20 27.35 12.77 -15.97
C VAL D 20 25.99 12.35 -15.44
N ASN D 21 25.29 13.25 -14.73
CA ASN D 21 23.95 12.94 -14.26
C ASN D 21 23.19 14.22 -13.97
N THR D 22 21.91 14.26 -14.31
CA THR D 22 21.07 15.40 -14.08
C THR D 22 19.97 15.07 -13.06
N PHE D 23 19.79 15.98 -12.07
CA PHE D 23 18.70 15.95 -11.11
C PHE D 23 17.64 17.00 -11.54
N VAL D 24 16.36 16.66 -11.48
CA VAL D 24 15.24 17.51 -11.89
C VAL D 24 14.50 18.02 -10.66
N HIS D 25 14.37 19.34 -10.54
CA HIS D 25 13.73 20.01 -9.41
C HIS D 25 12.31 20.39 -9.74
N GLU D 26 11.52 19.37 -10.02
CA GLU D 26 10.09 19.51 -10.29
C GLU D 26 9.40 18.31 -9.62
N SER D 27 8.07 18.34 -9.56
CA SER D 27 7.34 17.22 -9.00
C SER D 27 7.51 15.99 -9.90
N LEU D 28 7.44 14.79 -9.31
CA LEU D 28 7.48 13.53 -10.06
C LEU D 28 6.34 13.49 -11.08
N ALA D 29 5.15 13.96 -10.69
CA ALA D 29 4.00 13.98 -11.62
C ALA D 29 4.33 14.85 -12.87
N ASP D 30 4.97 15.99 -12.71
CA ASP D 30 5.33 16.87 -13.83
C ASP D 30 6.32 16.21 -14.78
N VAL D 31 7.27 15.43 -14.24
CA VAL D 31 8.23 14.71 -15.08
C VAL D 31 7.54 13.51 -15.77
N GLN D 32 6.67 12.81 -15.06
CA GLN D 32 5.90 11.70 -15.62
C GLN D 32 4.98 12.21 -16.74
N ALA D 33 4.45 13.44 -16.60
CA ALA D 33 3.59 14.05 -17.64
C ALA D 33 4.30 14.22 -18.99
N VAL D 34 5.65 14.28 -18.98
CA VAL D 34 6.46 14.45 -20.20
C VAL D 34 6.31 13.26 -21.17
N CYS D 35 5.99 12.08 -20.64
CA CYS D 35 5.77 10.88 -21.47
C CYS D 35 4.60 11.01 -22.45
N SER D 36 3.75 12.00 -22.29
CA SER D 36 2.67 12.25 -23.24
C SER D 36 2.85 13.61 -23.92
N GLN D 37 4.08 14.15 -23.96
CA GLN D 37 4.34 15.46 -24.56
C GLN D 37 4.97 15.27 -25.97
N LYS D 38 6.07 15.96 -26.34
CA LYS D 38 6.55 15.87 -27.72
C LYS D 38 7.41 14.65 -28.02
N ASN D 39 6.93 13.75 -28.87
CA ASN D 39 7.68 12.55 -29.23
C ASN D 39 8.85 12.90 -30.16
N VAL D 40 10.08 12.57 -29.75
CA VAL D 40 11.32 12.80 -30.50
C VAL D 40 12.17 11.52 -30.45
N ALA D 41 13.21 11.44 -31.31
CA ALA D 41 14.10 10.28 -31.27
C ALA D 41 15.03 10.40 -30.06
N CYS D 42 15.47 9.28 -29.49
CA CYS D 42 16.48 9.30 -28.44
C CYS D 42 17.87 9.43 -29.11
N LYS D 43 18.91 9.84 -28.35
CA LYS D 43 20.28 9.98 -28.85
C LYS D 43 20.81 8.68 -29.49
N ASN D 44 20.32 7.53 -29.01
CA ASN D 44 20.76 6.24 -29.55
C ASN D 44 19.94 5.73 -30.74
N GLY D 45 18.97 6.51 -31.22
CA GLY D 45 18.15 6.07 -32.35
C GLY D 45 16.80 5.49 -32.00
N GLN D 46 16.58 5.15 -30.72
CA GLN D 46 15.28 4.64 -30.30
C GLN D 46 14.20 5.73 -30.47
N THR D 47 12.93 5.35 -30.64
CA THR D 47 11.87 6.33 -30.87
C THR D 47 10.93 6.55 -29.69
N ASN D 48 11.32 6.11 -28.49
CA ASN D 48 10.46 6.28 -27.31
C ASN D 48 10.86 7.46 -26.42
N CYS D 49 11.41 8.54 -27.02
CA CYS D 49 11.78 9.71 -26.22
C CYS D 49 10.78 10.82 -26.35
N TYR D 50 10.69 11.66 -25.30
CA TYR D 50 9.74 12.76 -25.23
C TYR D 50 10.39 13.97 -24.66
N GLN D 51 10.16 15.14 -25.30
CA GLN D 51 10.71 16.42 -24.86
C GLN D 51 9.63 17.28 -24.16
N SER D 52 9.93 17.84 -22.97
CA SER D 52 8.96 18.70 -22.29
C SER D 52 8.68 20.03 -23.05
N TYR D 53 7.43 20.49 -23.00
CA TYR D 53 7.09 21.78 -23.62
C TYR D 53 7.81 22.91 -22.85
N SER D 54 7.87 22.77 -21.51
CA SER D 54 8.43 23.80 -20.65
C SER D 54 9.86 23.51 -20.29
N THR D 55 10.55 24.55 -19.84
CA THR D 55 11.84 24.34 -19.21
C THR D 55 11.52 23.91 -17.76
N MET D 56 12.46 23.22 -17.17
CA MET D 56 12.39 22.71 -15.82
C MET D 56 13.68 23.09 -15.08
N SER D 57 13.57 23.35 -13.78
CA SER D 57 14.75 23.65 -12.96
C SER D 57 15.50 22.31 -12.80
N ILE D 58 16.77 22.26 -13.20
CA ILE D 58 17.59 21.05 -13.09
C ILE D 58 18.98 21.42 -12.52
N THR D 59 19.74 20.41 -12.07
CA THR D 59 21.13 20.60 -11.68
C THR D 59 21.91 19.53 -12.45
N ASP D 60 22.93 19.92 -13.20
CA ASP D 60 23.78 19.02 -13.96
C ASP D 60 25.00 18.69 -13.11
N CYS D 61 25.31 17.42 -12.95
CA CYS D 61 26.47 16.97 -12.18
C CYS D 61 27.42 16.36 -13.17
N ARG D 62 28.65 16.85 -13.22
CA ARG D 62 29.64 16.32 -14.15
C ARG D 62 30.94 16.08 -13.41
N GLU D 63 31.49 14.88 -13.59
CA GLU D 63 32.76 14.51 -12.99
C GLU D 63 33.89 15.46 -13.42
N THR D 64 34.73 15.85 -12.46
CA THR D 64 35.87 16.73 -12.74
C THR D 64 36.95 15.97 -13.54
N GLY D 65 37.91 16.70 -14.11
CA GLY D 65 39.01 16.06 -14.84
C GLY D 65 39.95 15.22 -13.99
N SER D 66 40.07 15.53 -12.69
CA SER D 66 40.98 14.79 -11.81
C SER D 66 40.33 13.70 -10.95
N SER D 67 38.99 13.63 -10.96
CA SER D 67 38.23 12.66 -10.18
C SER D 67 38.60 11.19 -10.48
N LYS D 68 38.93 10.42 -9.44
CA LYS D 68 39.25 8.99 -9.58
C LYS D 68 38.49 8.18 -8.52
N TYR D 69 37.85 7.09 -8.95
CA TYR D 69 37.10 6.15 -8.12
C TYR D 69 38.03 5.60 -7.04
N PRO D 70 37.61 5.50 -5.76
CA PRO D 70 36.26 5.72 -5.22
C PRO D 70 35.92 7.12 -4.72
N ASN D 71 36.88 8.06 -4.83
N ASN D 71 36.88 8.07 -4.79
CA ASN D 71 36.67 9.43 -4.36
CA ASN D 71 36.63 9.44 -4.34
C ASN D 71 36.11 10.30 -5.48
C ASN D 71 36.11 10.30 -5.48
N CYS D 72 34.95 9.91 -6.01
CA CYS D 72 34.29 10.61 -7.11
C CYS D 72 34.10 12.12 -6.80
N ALA D 73 34.52 12.99 -7.71
CA ALA D 73 34.42 14.44 -7.54
C ALA D 73 33.65 15.04 -8.72
N TYR D 74 32.77 16.00 -8.45
CA TYR D 74 31.88 16.59 -9.46
C TYR D 74 31.81 18.09 -9.38
N LYS D 75 31.49 18.75 -10.50
CA LYS D 75 31.16 20.15 -10.55
C LYS D 75 29.65 20.23 -10.75
N THR D 76 29.04 21.21 -10.12
CA THR D 76 27.62 21.47 -10.17
C THR D 76 27.26 22.65 -11.11
N THR D 77 26.31 22.44 -12.04
CA THR D 77 25.83 23.54 -12.89
C THR D 77 24.28 23.64 -12.79
N GLN D 78 23.76 24.78 -12.33
CA GLN D 78 22.32 24.98 -12.26
C GLN D 78 21.79 25.41 -13.61
N ALA D 79 20.63 24.91 -14.02
CA ALA D 79 20.08 25.26 -15.33
C ALA D 79 18.54 25.19 -15.34
N ASN D 80 17.92 25.82 -16.35
CA ASN D 80 16.49 25.80 -16.55
C ASN D 80 16.40 25.41 -17.99
N LYS D 81 16.11 24.14 -18.28
CA LYS D 81 16.07 23.63 -19.64
C LYS D 81 14.93 22.63 -19.87
N HIS D 82 14.56 22.40 -21.12
CA HIS D 82 13.53 21.41 -21.44
C HIS D 82 14.18 20.05 -21.24
N ILE D 83 13.46 19.06 -20.68
CA ILE D 83 14.05 17.72 -20.52
C ILE D 83 13.61 16.75 -21.61
N ILE D 84 14.44 15.75 -21.91
CA ILE D 84 14.11 14.71 -22.87
C ILE D 84 14.27 13.39 -22.13
N VAL D 85 13.20 12.61 -22.02
CA VAL D 85 13.26 11.35 -21.31
C VAL D 85 12.76 10.22 -22.20
N ALA D 86 13.32 9.02 -22.02
CA ALA D 86 12.85 7.83 -22.70
C ALA D 86 11.75 7.26 -21.80
N CYS D 87 10.62 6.81 -22.39
CA CYS D 87 9.48 6.27 -21.64
C CYS D 87 9.15 4.82 -22.05
N GLU D 88 8.66 4.02 -21.11
CA GLU D 88 8.35 2.61 -21.40
C GLU D 88 7.39 2.07 -20.36
N GLY D 89 6.65 1.05 -20.76
CA GLY D 89 5.80 0.26 -19.88
C GLY D 89 4.34 0.59 -19.78
N ASN D 90 3.72 -0.06 -18.80
CA ASN D 90 2.33 0.13 -18.48
C ASN D 90 2.25 0.19 -16.95
N PRO D 91 2.09 1.37 -16.32
CA PRO D 91 1.98 2.73 -16.91
C PRO D 91 3.23 3.17 -17.69
N TYR D 92 3.02 4.02 -18.71
CA TYR D 92 4.06 4.50 -19.62
C TYR D 92 4.81 5.63 -18.91
N VAL D 93 5.98 5.30 -18.33
CA VAL D 93 6.67 6.23 -17.46
C VAL D 93 8.15 6.44 -17.83
N PRO D 94 8.82 7.47 -17.26
CA PRO D 94 10.25 7.68 -17.59
C PRO D 94 11.15 6.54 -17.13
N VAL D 95 12.03 6.06 -18.01
CA VAL D 95 13.00 5.00 -17.67
C VAL D 95 14.48 5.45 -17.88
N HIS D 96 14.71 6.55 -18.62
CA HIS D 96 16.04 7.07 -18.88
C HIS D 96 15.99 8.58 -19.07
N PHE D 97 16.99 9.30 -18.61
CA PHE D 97 17.12 10.73 -18.81
C PHE D 97 18.06 10.88 -20.01
N ASP D 98 17.53 11.34 -21.16
CA ASP D 98 18.31 11.42 -22.39
C ASP D 98 19.14 12.65 -22.51
N ALA D 99 18.54 13.84 -22.35
CA ALA D 99 19.24 15.11 -22.54
C ALA D 99 18.38 16.30 -22.01
N SER D 100 18.98 17.49 -21.90
CA SER D 100 18.30 18.74 -21.64
C SER D 100 18.63 19.65 -22.83
N VAL D 101 17.68 20.51 -23.21
CA VAL D 101 17.86 21.37 -24.37
C VAL D 101 17.32 22.80 -24.05
N ASN E 1 -32.75 -3.36 -7.16
CA ASN E 1 -32.73 -2.33 -6.11
C ASN E 1 -34.15 -2.03 -5.62
N TYR E 2 -34.44 -2.28 -4.33
CA TYR E 2 -35.76 -2.02 -3.72
C TYR E 2 -36.26 -0.59 -4.00
N CYS E 3 -35.48 0.43 -3.62
CA CYS E 3 -35.89 1.82 -3.80
C CYS E 3 -36.12 2.19 -5.25
N ASN E 4 -35.25 1.74 -6.16
CA ASN E 4 -35.40 2.09 -7.57
C ASN E 4 -36.64 1.45 -8.19
N GLN E 5 -36.94 0.19 -7.81
CA GLN E 5 -38.11 -0.56 -8.31
C GLN E 5 -39.39 0.02 -7.74
N MET E 6 -39.42 0.26 -6.41
CA MET E 6 -40.58 0.74 -5.67
C MET E 6 -40.96 2.16 -5.97
N MET E 7 -39.98 3.08 -6.13
CA MET E 7 -40.34 4.46 -6.48
C MET E 7 -41.00 4.54 -7.85
N LYS E 8 -40.57 3.69 -8.76
CA LYS E 8 -41.17 3.62 -10.09
C LYS E 8 -42.56 2.96 -10.04
N SER E 9 -42.64 1.75 -9.46
N SER E 9 -42.64 1.76 -9.46
CA SER E 9 -43.90 1.01 -9.43
CA SER E 9 -43.89 1.01 -9.41
C SER E 9 -45.03 1.72 -8.70
C SER E 9 -45.02 1.73 -8.70
N ARG E 10 -44.69 2.46 -7.62
CA ARG E 10 -45.70 3.18 -6.86
C ARG E 10 -46.02 4.58 -7.45
N ASN E 11 -45.60 4.86 -8.70
CA ASN E 11 -45.89 6.09 -9.45
C ASN E 11 -45.27 7.36 -8.87
N LEU E 12 -44.10 7.23 -8.22
CA LEU E 12 -43.42 8.42 -7.68
C LEU E 12 -42.30 8.97 -8.58
N THR E 13 -42.09 8.37 -9.76
CA THR E 13 -41.09 8.85 -10.72
C THR E 13 -41.75 9.34 -12.04
N LYS E 14 -43.04 9.70 -12.00
CA LYS E 14 -43.76 10.20 -13.16
C LYS E 14 -43.52 11.70 -13.26
N ASP E 15 -43.11 12.18 -14.46
CA ASP E 15 -42.80 13.57 -14.81
C ASP E 15 -41.41 13.98 -14.31
N ARG E 16 -41.12 13.70 -13.03
CA ARG E 16 -39.85 14.00 -12.39
C ARG E 16 -39.59 12.99 -11.24
N CYS E 17 -38.33 12.90 -10.78
CA CYS E 17 -37.99 12.00 -9.67
C CYS E 17 -38.48 12.60 -8.37
N LYS E 18 -39.31 11.89 -7.59
CA LYS E 18 -39.70 12.39 -6.26
C LYS E 18 -38.45 12.28 -5.39
N PRO E 19 -37.97 13.39 -4.83
CA PRO E 19 -36.68 13.36 -4.13
C PRO E 19 -36.57 12.43 -2.93
N VAL E 20 -37.59 12.37 -2.06
CA VAL E 20 -37.52 11.50 -0.88
C VAL E 20 -38.88 10.85 -0.58
N ASN E 21 -38.90 9.57 -0.18
CA ASN E 21 -40.14 8.90 0.15
C ASN E 21 -39.90 7.78 1.16
N THR E 22 -40.85 7.57 2.08
CA THR E 22 -40.72 6.49 3.05
C THR E 22 -41.77 5.41 2.82
N PHE E 23 -41.35 4.12 2.94
CA PHE E 23 -42.23 2.94 2.89
C PHE E 23 -42.22 2.32 4.29
N VAL E 24 -43.40 1.99 4.83
CA VAL E 24 -43.60 1.42 6.16
C VAL E 24 -43.84 -0.08 6.08
N HIS E 25 -42.96 -0.84 6.78
CA HIS E 25 -42.94 -2.28 6.84
C HIS E 25 -43.70 -2.73 8.08
N GLU E 26 -45.01 -2.47 8.07
CA GLU E 26 -45.95 -2.82 9.14
C GLU E 26 -47.32 -3.09 8.52
N SER E 27 -48.22 -3.78 9.26
CA SER E 27 -49.58 -4.00 8.77
C SER E 27 -50.29 -2.66 8.58
N LEU E 28 -51.29 -2.62 7.72
CA LEU E 28 -52.08 -1.42 7.49
C LEU E 28 -52.83 -1.03 8.79
N ALA E 29 -53.25 -2.05 9.59
CA ALA E 29 -53.91 -1.83 10.87
C ALA E 29 -53.01 -1.08 11.83
N ASP E 30 -51.72 -1.45 11.90
CA ASP E 30 -50.77 -0.79 12.78
C ASP E 30 -50.56 0.66 12.40
N VAL E 31 -50.55 0.97 11.09
CA VAL E 31 -50.39 2.35 10.63
C VAL E 31 -51.66 3.19 10.86
N GLN E 32 -52.84 2.63 10.54
CA GLN E 32 -54.14 3.29 10.76
C GLN E 32 -54.38 3.58 12.24
N ALA E 33 -53.85 2.73 13.14
CA ALA E 33 -53.98 2.90 14.59
C ALA E 33 -53.27 4.17 15.08
N VAL E 34 -52.24 4.67 14.34
CA VAL E 34 -51.52 5.92 14.69
C VAL E 34 -52.47 7.14 14.70
N CYS E 35 -53.55 7.09 13.90
CA CYS E 35 -54.56 8.16 13.83
C CYS E 35 -55.26 8.46 15.17
N SER E 36 -55.16 7.54 16.13
CA SER E 36 -55.73 7.81 17.47
C SER E 36 -54.63 7.74 18.54
N GLN E 37 -53.40 8.17 18.17
CA GLN E 37 -52.26 8.18 19.09
C GLN E 37 -51.91 9.63 19.45
N LYS E 38 -50.63 10.02 19.48
CA LYS E 38 -50.25 11.36 19.91
C LYS E 38 -50.53 12.43 18.91
N ASN E 39 -51.55 13.26 19.16
CA ASN E 39 -51.89 14.40 18.30
C ASN E 39 -50.79 15.45 18.30
N VAL E 40 -50.31 15.83 17.11
CA VAL E 40 -49.22 16.79 16.93
C VAL E 40 -49.54 17.67 15.73
N ALA E 41 -48.87 18.85 15.63
CA ALA E 41 -49.04 19.67 14.46
C ALA E 41 -48.22 19.06 13.33
N CYS E 42 -48.72 19.21 12.12
CA CYS E 42 -48.07 18.80 10.88
C CYS E 42 -47.00 19.85 10.58
N LYS E 43 -46.01 19.52 9.72
CA LYS E 43 -44.98 20.49 9.35
C LYS E 43 -45.57 21.79 8.74
N ASN E 44 -46.80 21.71 8.18
CA ASN E 44 -47.48 22.84 7.59
C ASN E 44 -48.33 23.68 8.54
N GLY E 45 -48.41 23.29 9.81
CA GLY E 45 -49.20 24.06 10.77
C GLY E 45 -50.53 23.43 11.13
N GLN E 46 -51.07 22.56 10.24
CA GLN E 46 -52.34 21.88 10.54
CA GLN E 46 -52.34 21.88 10.52
C GLN E 46 -52.22 21.05 11.81
N THR E 47 -53.35 20.70 12.41
CA THR E 47 -53.37 19.99 13.67
C THR E 47 -53.90 18.55 13.53
N ASN E 48 -53.94 18.01 12.30
CA ASN E 48 -54.43 16.64 12.09
C ASN E 48 -53.31 15.63 11.90
N CYS E 49 -52.15 15.86 12.56
CA CYS E 49 -51.06 14.90 12.50
C CYS E 49 -50.96 14.10 13.79
N TYR E 50 -50.48 12.87 13.68
CA TYR E 50 -50.38 11.92 14.79
C TYR E 50 -49.03 11.19 14.74
N GLN E 51 -48.36 11.12 15.89
CA GLN E 51 -47.05 10.49 16.07
C GLN E 51 -47.23 9.16 16.78
N SER E 52 -46.73 8.06 16.19
CA SER E 52 -46.85 6.73 16.75
C SER E 52 -46.07 6.56 18.06
N TYR E 53 -46.67 5.88 19.04
CA TYR E 53 -46.02 5.60 20.32
C TYR E 53 -44.76 4.75 20.11
N SER E 54 -44.89 3.63 19.37
CA SER E 54 -43.80 2.70 19.14
C SER E 54 -43.05 2.94 17.82
N THR E 55 -41.87 2.34 17.69
CA THR E 55 -41.08 2.45 16.48
C THR E 55 -41.65 1.52 15.42
N MET E 56 -41.37 1.86 14.17
CA MET E 56 -41.84 1.10 13.04
C MET E 56 -40.69 0.87 12.09
N SER E 57 -40.68 -0.31 11.48
CA SER E 57 -39.65 -0.65 10.51
C SER E 57 -39.97 0.11 9.23
N ILE E 58 -39.05 0.95 8.78
CA ILE E 58 -39.28 1.74 7.57
C ILE E 58 -38.06 1.70 6.65
N THR E 59 -38.27 2.02 5.39
CA THR E 59 -37.17 2.17 4.44
C THR E 59 -37.31 3.56 3.86
N ASP E 60 -36.25 4.36 3.91
CA ASP E 60 -36.22 5.71 3.34
C ASP E 60 -35.47 5.64 2.01
N CYS E 61 -36.09 6.16 0.93
CA CYS E 61 -35.50 6.20 -0.39
C CYS E 61 -35.19 7.68 -0.65
N ARG E 62 -33.92 8.03 -0.86
CA ARG E 62 -33.57 9.42 -1.14
C ARG E 62 -32.78 9.44 -2.43
N GLU E 63 -33.17 10.32 -3.35
CA GLU E 63 -32.50 10.43 -4.65
C GLU E 63 -30.99 10.72 -4.51
N THR E 64 -30.16 10.09 -5.35
CA THR E 64 -28.71 10.35 -5.30
C THR E 64 -28.40 11.79 -5.81
N GLY E 65 -27.17 12.25 -5.62
CA GLY E 65 -26.74 13.55 -6.10
C GLY E 65 -26.74 13.60 -7.62
N SER E 66 -26.34 12.49 -8.27
CA SER E 66 -26.29 12.46 -9.73
C SER E 66 -27.51 11.79 -10.39
N SER E 67 -28.60 11.58 -9.63
CA SER E 67 -29.80 10.99 -10.20
C SER E 67 -30.48 12.01 -11.11
N LYS E 68 -30.93 11.54 -12.26
CA LYS E 68 -31.56 12.43 -13.22
C LYS E 68 -32.77 11.80 -13.87
N TYR E 69 -33.86 12.57 -14.05
CA TYR E 69 -35.04 12.07 -14.76
C TYR E 69 -34.60 11.84 -16.24
N PRO E 70 -34.95 10.68 -16.86
CA PRO E 70 -35.88 9.64 -16.40
C PRO E 70 -35.31 8.44 -15.64
N ASN E 71 -33.98 8.35 -15.46
CA ASN E 71 -33.38 7.21 -14.78
C ASN E 71 -33.21 7.46 -13.27
N CYS E 72 -34.33 7.72 -12.57
CA CYS E 72 -34.34 8.02 -11.13
C CYS E 72 -33.57 6.99 -10.31
N ALA E 73 -32.51 7.42 -9.65
CA ALA E 73 -31.69 6.52 -8.83
C ALA E 73 -31.75 6.95 -7.37
N TYR E 74 -31.85 5.98 -6.47
CA TYR E 74 -32.05 6.26 -5.04
C TYR E 74 -31.01 5.55 -4.15
N LYS E 75 -30.77 6.13 -2.97
CA LYS E 75 -29.96 5.62 -1.86
C LYS E 75 -31.01 5.03 -0.88
N THR E 76 -30.71 3.89 -0.30
CA THR E 76 -31.63 3.22 0.61
C THR E 76 -31.11 3.25 2.03
N THR E 77 -31.98 3.64 2.99
CA THR E 77 -31.58 3.64 4.39
C THR E 77 -32.67 2.97 5.22
N GLN E 78 -32.31 1.90 5.96
CA GLN E 78 -33.24 1.21 6.83
C GLN E 78 -33.27 1.89 8.18
N ALA E 79 -34.45 1.95 8.80
CA ALA E 79 -34.58 2.62 10.09
C ALA E 79 -35.74 2.11 10.93
N ASN E 80 -35.64 2.26 12.25
CA ASN E 80 -36.73 1.94 13.18
C ASN E 80 -37.12 3.26 13.78
N LYS E 81 -38.24 3.82 13.34
CA LYS E 81 -38.63 5.16 13.74
C LYS E 81 -40.12 5.30 13.99
N HIS E 82 -40.49 6.30 14.78
CA HIS E 82 -41.89 6.59 15.05
C HIS E 82 -42.33 7.37 13.83
N ILE E 83 -43.51 7.07 13.29
CA ILE E 83 -43.99 7.78 12.12
C ILE E 83 -44.94 8.89 12.52
N ILE E 84 -45.05 9.90 11.67
CA ILE E 84 -45.99 10.99 11.88
C ILE E 84 -46.87 11.06 10.63
N VAL E 85 -48.16 10.80 10.75
CA VAL E 85 -49.07 10.81 9.60
C VAL E 85 -50.16 11.84 9.78
N ALA E 86 -50.68 12.37 8.66
CA ALA E 86 -51.83 13.27 8.65
C ALA E 86 -53.05 12.35 8.48
N CYS E 87 -54.12 12.57 9.25
CA CYS E 87 -55.30 11.71 9.14
C CYS E 87 -56.55 12.54 8.73
N GLU E 88 -57.46 11.91 7.98
CA GLU E 88 -58.66 12.60 7.50
C GLU E 88 -59.80 11.62 7.23
N GLY E 89 -61.03 12.14 7.22
CA GLY E 89 -62.23 11.38 6.87
C GLY E 89 -62.93 10.52 7.90
N ASN E 90 -63.84 9.68 7.42
CA ASN E 90 -64.58 8.75 8.27
C ASN E 90 -64.73 7.44 7.48
N PRO E 91 -63.98 6.35 7.83
CA PRO E 91 -63.06 6.20 8.97
C PRO E 91 -61.85 7.14 8.95
N TYR E 92 -61.45 7.61 10.13
CA TYR E 92 -60.34 8.55 10.31
C TYR E 92 -59.04 7.80 10.02
N VAL E 93 -58.49 7.93 8.78
CA VAL E 93 -57.32 7.14 8.37
C VAL E 93 -56.16 7.98 7.83
N PRO E 94 -54.95 7.41 7.68
CA PRO E 94 -53.83 8.20 7.14
C PRO E 94 -54.02 8.64 5.70
N VAL E 95 -53.72 9.92 5.43
CA VAL E 95 -53.79 10.51 4.10
C VAL E 95 -52.46 11.13 3.64
N HIS E 96 -51.48 11.31 4.55
CA HIS E 96 -50.18 11.87 4.19
C HIS E 96 -49.10 11.38 5.15
N PHE E 97 -47.87 11.26 4.69
CA PHE E 97 -46.76 10.84 5.54
C PHE E 97 -45.96 12.13 5.81
N ASP E 98 -46.01 12.62 7.05
CA ASP E 98 -45.39 13.89 7.39
C ASP E 98 -43.91 13.81 7.67
N ALA E 99 -43.47 12.83 8.49
CA ALA E 99 -42.09 12.66 8.92
C ALA E 99 -41.91 11.35 9.75
N SER E 100 -40.68 11.01 10.15
CA SER E 100 -40.41 9.94 11.10
C SER E 100 -39.36 10.44 12.10
N VAL E 101 -39.46 10.05 13.39
CA VAL E 101 -38.56 10.50 14.46
C VAL E 101 -38.02 9.35 15.33
N ASN F 1 31.43 -2.29 -13.68
CA ASN F 1 31.51 -2.64 -12.26
C ASN F 1 32.98 -2.76 -11.86
N TYR F 2 33.46 -1.88 -10.96
CA TYR F 2 34.87 -1.88 -10.53
C TYR F 2 35.40 -3.27 -10.15
N CYS F 3 34.77 -3.98 -9.20
CA CYS F 3 35.24 -5.28 -8.78
C CYS F 3 35.19 -6.30 -9.89
N ASN F 4 34.09 -6.37 -10.63
CA ASN F 4 33.98 -7.33 -11.74
C ASN F 4 35.05 -7.12 -12.80
N GLN F 5 35.33 -5.85 -13.13
CA GLN F 5 36.33 -5.52 -14.15
C GLN F 5 37.76 -5.71 -13.62
N MET F 6 38.09 -5.18 -12.43
CA MET F 6 39.43 -5.29 -11.85
C MET F 6 39.80 -6.72 -11.53
N MET F 7 38.86 -7.55 -11.04
CA MET F 7 39.21 -8.95 -10.74
C MET F 7 39.59 -9.71 -12.00
N LYS F 8 38.92 -9.40 -13.11
CA LYS F 8 39.18 -10.06 -14.39
C LYS F 8 40.49 -9.54 -14.97
N SER F 9 40.64 -8.21 -14.96
CA SER F 9 41.78 -7.48 -15.51
C SER F 9 43.10 -7.85 -14.84
N ARG F 10 43.08 -8.02 -13.50
CA ARG F 10 44.31 -8.32 -12.77
C ARG F 10 44.60 -9.83 -12.66
N ASN F 11 43.94 -10.68 -13.49
CA ASN F 11 44.19 -12.12 -13.56
C ASN F 11 43.77 -12.91 -12.33
N LEU F 12 42.73 -12.45 -11.61
CA LEU F 12 42.25 -13.17 -10.43
C LEU F 12 40.99 -14.01 -10.71
N THR F 13 40.60 -14.20 -11.98
CA THR F 13 39.41 -14.98 -12.31
C THR F 13 39.76 -16.08 -13.31
N CYS F 17 38.19 -17.87 -10.33
CA CYS F 17 37.13 -17.16 -9.60
C CYS F 17 37.62 -17.00 -8.13
N LYS F 18 38.54 -16.07 -7.91
CA LYS F 18 39.11 -15.84 -6.58
C LYS F 18 38.02 -15.28 -5.69
N PRO F 19 37.78 -15.91 -4.53
CA PRO F 19 36.66 -15.46 -3.69
C PRO F 19 36.75 -14.06 -3.13
N VAL F 20 37.91 -13.64 -2.63
CA VAL F 20 38.08 -12.34 -1.98
C VAL F 20 39.40 -11.67 -2.40
N ASN F 21 39.39 -10.35 -2.59
CA ASN F 21 40.62 -9.62 -2.91
C ASN F 21 40.47 -8.16 -2.51
N THR F 22 41.56 -7.55 -1.99
CA THR F 22 41.55 -6.14 -1.61
C THR F 22 42.42 -5.27 -2.53
N PHE F 23 41.90 -4.11 -2.95
CA PHE F 23 42.64 -3.13 -3.74
C PHE F 23 42.88 -1.88 -2.87
N VAL F 24 44.12 -1.40 -2.83
CA VAL F 24 44.58 -0.24 -2.04
C VAL F 24 44.67 1.06 -2.86
N HIS F 25 43.96 2.10 -2.40
CA HIS F 25 43.86 3.40 -3.06
C HIS F 25 44.79 4.38 -2.40
N GLU F 26 46.06 4.06 -2.47
CA GLU F 26 47.14 4.88 -1.91
C GLU F 26 48.35 4.75 -2.83
N SER F 27 49.35 5.64 -2.69
CA SER F 27 50.56 5.56 -3.50
C SER F 27 51.33 4.28 -3.20
N LEU F 28 52.15 3.82 -4.14
CA LEU F 28 52.97 2.63 -3.91
C LEU F 28 53.97 2.86 -2.75
N ALA F 29 54.49 4.09 -2.64
CA ALA F 29 55.42 4.41 -1.56
C ALA F 29 54.75 4.28 -0.19
N ASP F 30 53.48 4.67 -0.08
CA ASP F 30 52.75 4.61 1.17
C ASP F 30 52.53 3.16 1.64
N VAL F 31 52.29 2.26 0.68
CA VAL F 31 52.08 0.85 0.97
C VAL F 31 53.43 0.17 1.26
N GLN F 32 54.47 0.45 0.45
CA GLN F 32 55.81 -0.10 0.70
C GLN F 32 56.33 0.32 2.09
N ALA F 33 55.96 1.52 2.56
CA ALA F 33 56.35 2.04 3.88
C ALA F 33 55.83 1.17 5.03
N VAL F 34 54.77 0.38 4.79
CA VAL F 34 54.22 -0.51 5.83
C VAL F 34 55.22 -1.57 6.27
N CYS F 35 56.16 -1.97 5.38
CA CYS F 35 57.20 -2.95 5.67
C CYS F 35 58.13 -2.59 6.85
N SER F 36 58.21 -1.33 7.20
CA SER F 36 59.00 -0.90 8.37
C SER F 36 58.10 -0.31 9.46
N GLN F 37 56.84 -0.77 9.53
CA GLN F 37 55.92 -0.28 10.53
C GLN F 37 55.73 -1.39 11.61
N LYS F 38 54.51 -1.68 12.12
CA LYS F 38 54.35 -2.65 13.19
C LYS F 38 54.46 -4.10 12.80
N ASN F 39 55.54 -4.77 13.23
CA ASN F 39 55.73 -6.20 12.98
C ASN F 39 54.69 -7.03 13.74
N VAL F 40 53.97 -7.86 13.02
CA VAL F 40 52.92 -8.74 13.52
C VAL F 40 53.05 -10.11 12.84
N ALA F 41 52.47 -11.14 13.45
CA ALA F 41 52.47 -12.46 12.83
C ALA F 41 51.43 -12.45 11.73
N CYS F 42 51.75 -13.11 10.62
CA CYS F 42 50.86 -13.32 9.50
C CYS F 42 49.81 -14.33 9.96
N LYS F 43 48.70 -14.43 9.23
CA LYS F 43 47.62 -15.38 9.53
C LYS F 43 48.15 -16.82 9.54
N ASN F 44 49.21 -17.11 8.75
CA ASN F 44 49.86 -18.43 8.65
C ASN F 44 50.93 -18.73 9.71
N GLY F 45 51.11 -17.82 10.65
CA GLY F 45 52.10 -18.04 11.71
C GLY F 45 53.45 -17.39 11.47
N GLN F 46 53.81 -17.09 10.18
CA GLN F 46 55.07 -16.43 9.84
C GLN F 46 55.19 -15.09 10.56
N THR F 47 56.40 -14.57 10.67
CA THR F 47 56.69 -13.35 11.38
C THR F 47 57.05 -12.18 10.43
N ASN F 48 56.81 -12.33 9.12
CA ASN F 48 57.12 -11.23 8.18
C ASN F 48 55.91 -10.36 7.83
N CYS F 49 54.95 -10.14 8.77
CA CYS F 49 53.83 -9.25 8.46
C CYS F 49 53.92 -7.91 9.20
N TYR F 50 53.42 -6.85 8.57
CA TYR F 50 53.48 -5.49 9.09
C TYR F 50 52.12 -4.80 8.97
N GLN F 51 51.67 -4.14 10.05
CA GLN F 51 50.39 -3.45 10.11
C GLN F 51 50.64 -1.96 10.03
N SER F 52 49.92 -1.26 9.14
CA SER F 52 50.10 0.18 8.99
C SER F 52 49.54 0.94 10.21
N TYR F 53 50.20 2.03 10.61
CA TYR F 53 49.70 2.87 11.71
C TYR F 53 48.42 3.60 11.27
N SER F 54 48.41 4.17 10.06
CA SER F 54 47.24 4.90 9.58
C SER F 54 46.33 4.08 8.69
N THR F 55 45.05 4.50 8.63
CA THR F 55 44.06 3.88 7.78
C THR F 55 44.35 4.27 6.35
N MET F 56 43.97 3.38 5.45
CA MET F 56 44.14 3.55 4.05
C MET F 56 42.80 3.32 3.36
N SER F 57 42.56 4.02 2.24
CA SER F 57 41.33 3.81 1.49
C SER F 57 41.48 2.49 0.71
N ILE F 58 40.56 1.54 0.90
CA ILE F 58 40.64 0.27 0.19
C ILE F 58 39.29 -0.06 -0.44
N THR F 59 39.29 -1.02 -1.38
CA THR F 59 38.07 -1.54 -1.93
C THR F 59 38.17 -3.04 -1.76
N ASP F 60 37.18 -3.62 -1.12
CA ASP F 60 37.13 -5.06 -0.92
CA ASP F 60 37.10 -5.04 -0.89
C ASP F 60 36.17 -5.64 -1.94
N CYS F 61 36.62 -6.68 -2.69
CA CYS F 61 35.82 -7.37 -3.68
C CYS F 61 35.57 -8.76 -3.13
N ARG F 62 34.30 -9.11 -2.93
CA ARG F 62 33.98 -10.44 -2.45
C ARG F 62 32.95 -11.07 -3.35
N GLU F 63 33.22 -12.30 -3.79
CA GLU F 63 32.35 -13.04 -4.68
C GLU F 63 30.91 -13.16 -4.10
N THR F 64 29.89 -12.94 -4.93
CA THR F 64 28.50 -13.05 -4.48
C THR F 64 28.16 -14.52 -4.17
N GLY F 65 27.02 -14.74 -3.51
CA GLY F 65 26.58 -16.09 -3.18
C GLY F 65 26.17 -16.86 -4.42
N SER F 66 25.62 -16.17 -5.43
CA SER F 66 25.18 -16.84 -6.66
C SER F 66 26.30 -16.98 -7.71
N SER F 67 27.35 -16.14 -7.61
CA SER F 67 28.51 -16.17 -8.52
C SER F 67 29.07 -17.56 -8.78
N LYS F 68 29.07 -17.95 -10.05
CA LYS F 68 29.61 -19.24 -10.47
C LYS F 68 30.68 -19.03 -11.53
N TYR F 69 31.78 -19.82 -11.49
CA TYR F 69 32.79 -19.75 -12.55
C TYR F 69 32.11 -20.25 -13.88
N PRO F 70 32.30 -19.57 -15.04
CA PRO F 70 33.26 -18.50 -15.32
C PRO F 70 32.78 -17.04 -15.25
N ASN F 71 31.50 -16.81 -14.99
CA ASN F 71 30.97 -15.44 -14.91
C ASN F 71 31.07 -14.91 -13.47
N CYS F 72 32.29 -14.69 -13.00
CA CYS F 72 32.59 -14.22 -11.65
C CYS F 72 31.92 -12.88 -11.35
N ALA F 73 31.03 -12.86 -10.33
CA ALA F 73 30.26 -11.70 -9.89
C ALA F 73 30.75 -11.30 -8.49
N TYR F 74 30.97 -10.01 -8.28
CA TYR F 74 31.51 -9.53 -7.02
C TYR F 74 30.66 -8.45 -6.38
N LYS F 75 30.74 -8.39 -5.06
CA LYS F 75 30.15 -7.37 -4.20
C LYS F 75 31.31 -6.42 -3.86
N THR F 76 31.06 -5.12 -3.94
CA THR F 76 32.06 -4.11 -3.65
C THR F 76 31.78 -3.43 -2.31
N THR F 77 32.82 -3.34 -1.45
CA THR F 77 32.66 -2.65 -0.18
C THR F 77 33.83 -1.68 -0.03
N GLN F 78 33.54 -0.42 0.23
CA GLN F 78 34.57 0.58 0.43
C GLN F 78 34.86 0.66 1.91
N ALA F 79 36.12 0.91 2.27
CA ALA F 79 36.52 1.00 3.68
C ALA F 79 37.80 1.82 3.87
N ASN F 80 37.99 2.32 5.09
CA ASN F 80 39.22 2.97 5.50
C ASN F 80 39.76 2.06 6.57
N LYS F 81 40.79 1.27 6.24
CA LYS F 81 41.33 0.31 7.19
C LYS F 81 42.87 0.30 7.21
N HIS F 82 43.44 -0.14 8.33
CA HIS F 82 44.88 -0.32 8.46
C HIS F 82 45.16 -1.60 7.71
N ILE F 83 46.12 -1.60 6.76
CA ILE F 83 46.40 -2.85 6.06
C ILE F 83 47.49 -3.68 6.77
N ILE F 84 47.55 -4.97 6.45
CA ILE F 84 48.56 -5.87 6.97
C ILE F 84 49.16 -6.62 5.78
N VAL F 85 50.46 -6.44 5.55
CA VAL F 85 51.12 -7.06 4.41
C VAL F 85 52.28 -7.96 4.84
N ALA F 86 52.60 -8.96 4.02
CA ALA F 86 53.76 -9.81 4.25
C ALA F 86 54.91 -9.18 3.41
N CYS F 87 56.11 -9.03 3.96
CA CYS F 87 57.22 -8.39 3.24
C CYS F 87 58.41 -9.36 3.04
N GLU F 88 59.15 -9.18 1.93
CA GLU F 88 60.28 -10.07 1.61
C GLU F 88 61.26 -9.42 0.64
N GLY F 89 62.48 -9.94 0.60
CA GLY F 89 63.55 -9.55 -0.32
C GLY F 89 64.35 -8.29 -0.04
N ASN F 90 65.23 -7.94 -0.98
CA ASN F 90 66.04 -6.73 -0.87
C ASN F 90 65.88 -5.94 -2.18
N PRO F 91 65.19 -4.79 -2.19
CA PRO F 91 64.57 -4.06 -1.06
C PRO F 91 63.39 -4.76 -0.40
N TYR F 92 63.20 -4.53 0.92
CA TYR F 92 62.14 -5.12 1.76
C TYR F 92 60.80 -4.53 1.34
N VAL F 93 60.04 -5.27 0.49
CA VAL F 93 58.76 -4.77 -0.05
C VAL F 93 57.58 -5.75 0.17
N PRO F 94 56.30 -5.29 0.01
CA PRO F 94 55.17 -6.23 0.16
C PRO F 94 55.16 -7.32 -0.91
N VAL F 95 54.86 -8.55 -0.49
CA VAL F 95 54.73 -9.70 -1.38
C VAL F 95 53.33 -10.35 -1.25
N HIS F 96 52.62 -10.13 -0.12
CA HIS F 96 51.27 -10.66 0.07
C HIS F 96 50.42 -9.70 0.90
N PHE F 97 49.12 -9.69 0.68
CA PHE F 97 48.17 -8.87 1.42
C PHE F 97 47.47 -9.81 2.39
N ASP F 98 47.83 -9.75 3.68
CA ASP F 98 47.28 -10.63 4.70
C ASP F 98 45.84 -10.34 5.14
N ALA F 99 45.53 -9.09 5.51
CA ALA F 99 44.22 -8.69 6.03
C ALA F 99 44.16 -7.13 6.17
N SER F 100 43.01 -6.56 6.55
CA SER F 100 42.90 -5.16 6.90
C SER F 100 42.08 -5.08 8.20
N VAL F 101 42.38 -4.10 9.07
CA VAL F 101 41.69 -3.95 10.36
C VAL F 101 41.25 -2.51 10.65
C ACE G 1 -17.03 14.57 21.85
O ACE G 1 -16.13 13.80 22.20
CH3 ACE G 1 -16.72 15.96 21.36
N LYS G 2 -18.32 14.25 21.96
CA LYS G 2 -18.76 12.93 22.34
C LYS G 2 -19.30 12.18 21.12
N GLU G 3 -18.55 12.22 20.00
CA GLU G 3 -18.73 11.25 18.94
C GLU G 3 -18.35 9.88 19.48
N THR G 4 -19.09 8.84 19.08
CA THR G 4 -18.64 7.47 19.31
C THR G 4 -17.35 7.23 18.51
N ALA G 5 -16.60 6.18 18.86
CA ALA G 5 -15.44 5.81 18.08
C ALA G 5 -15.81 5.46 16.63
N ALA G 6 -16.96 4.79 16.44
CA ALA G 6 -17.41 4.44 15.10
C ALA G 6 -17.69 5.68 14.25
N ALA G 7 -18.37 6.66 14.85
CA ALA G 7 -18.66 7.92 14.18
C ALA G 7 -17.39 8.70 13.85
N NLE G 8 -16.42 8.68 14.78
CA NLE G 8 -15.15 9.34 14.52
C NLE G 8 -14.38 8.69 13.37
O NLE G 8 -13.82 9.38 12.51
CB NLE G 8 -14.31 9.42 15.79
CG NLE G 8 -12.93 10.05 15.56
CD NLE G 8 -12.46 10.95 16.71
CE NLE G 8 -12.37 12.42 16.33
N PHE G 9 -14.39 7.35 13.31
CA PHE G 9 -13.77 6.62 12.22
C PHE G 9 -14.35 7.06 10.88
N GLU G 10 -15.67 7.16 10.79
CA GLU G 10 -16.34 7.55 9.56
C GLU G 10 -15.94 8.98 9.16
N HRG G 11 -16.02 9.91 10.12
CA HRG G 11 -15.65 11.29 9.84
CB HRG G 11 -15.91 12.17 11.07
CG HRG G 11 -16.03 14.52 11.94
CG' HRG G 11 -15.71 13.64 10.77
CD HRG G 11 -14.77 14.80 12.75
NE HRG G 11 -14.64 13.92 13.90
CZ HRG G 11 -13.49 13.62 14.48
NH1 HRG G 11 -13.54 12.90 15.61
NH2 HRG G 11 -12.36 14.00 13.95
C HRG G 11 -14.17 11.43 9.44
O HRG G 11 -13.83 12.22 8.56
N GLN G 12 -13.32 10.64 10.09
CA GLN G 12 -11.89 10.74 9.85
C GLN G 12 -11.43 10.03 8.57
N HIS G 13 -12.17 8.99 8.14
CA HIS G 13 -11.63 8.14 7.08
C HIS G 13 -12.50 7.93 5.83
N MET G 14 -13.82 8.14 5.93
CA MET G 14 -14.69 7.84 4.80
C MET G 14 -14.74 8.96 3.77
N ASP G 15 -14.51 8.61 2.50
CA ASP G 15 -14.80 9.53 1.41
C ASP G 15 -15.48 8.78 0.26
N SER G 16 -16.75 8.44 0.47
CA SER G 16 -17.61 7.98 -0.61
C SER G 16 -18.04 9.22 -1.40
N NH2 G 17 -18.65 10.19 -0.73
C ACE H 1 19.52 -4.95 19.87
O ACE H 1 18.39 -5.23 20.31
CH3 ACE H 1 20.76 -5.45 20.56
N LYS H 2 19.68 -4.25 18.73
CA LYS H 2 20.86 -4.28 17.89
C LYS H 2 21.74 -3.03 18.07
N GLU H 3 21.94 -2.64 19.33
CA GLU H 3 22.72 -1.47 19.74
C GLU H 3 22.29 -0.19 19.01
N THR H 4 22.94 0.13 17.87
CA THR H 4 22.69 1.37 17.16
C THR H 4 21.31 1.30 16.49
N ALA H 5 20.60 2.43 16.48
CA ALA H 5 19.30 2.52 15.82
C ALA H 5 19.36 2.21 14.33
N ALA H 6 20.41 2.70 13.64
CA ALA H 6 20.64 2.33 12.25
C ALA H 6 20.87 0.84 12.05
N ALA H 7 21.68 0.25 12.94
CA ALA H 7 21.94 -1.18 12.90
C ALA H 7 20.66 -1.99 13.16
N NLE H 8 19.84 -1.51 14.10
CA NLE H 8 18.59 -2.16 14.42
C NLE H 8 17.61 -2.10 13.24
O NLE H 8 17.00 -3.10 12.89
CB NLE H 8 17.96 -1.54 15.68
CG NLE H 8 16.64 -2.20 16.06
CD NLE H 8 16.65 -2.79 17.47
CE NLE H 8 16.04 -4.17 17.50
N PHE H 9 17.53 -0.93 12.59
CA PHE H 9 16.72 -0.77 11.39
C PHE H 9 17.08 -1.81 10.32
N GLU H 10 18.38 -2.02 10.11
CA GLU H 10 18.84 -2.98 9.11
C GLU H 10 18.49 -4.43 9.49
N HRG H 11 18.75 -4.80 10.75
CA HRG H 11 18.46 -6.17 11.19
CB HRG H 11 18.95 -6.38 12.63
CG HRG H 11 19.39 -8.11 14.46
CG' HRG H 11 18.72 -7.81 13.12
CD HRG H 11 18.45 -7.95 15.62
NE HRG H 11 18.00 -6.58 15.76
CZ HRG H 11 16.92 -6.21 16.45
NH1 HRG H 11 17.04 -5.20 17.31
NH2 HRG H 11 15.80 -6.84 16.27
C HRG H 11 16.95 -6.45 11.12
O HRG H 11 16.53 -7.52 10.71
N GLN H 12 16.16 -5.45 11.52
CA GLN H 12 14.72 -5.60 11.55
C GLN H 12 14.07 -5.61 10.17
N HIS H 13 14.63 -4.84 9.22
CA HIS H 13 13.89 -4.57 7.99
C HIS H 13 14.53 -5.02 6.67
N MET H 14 15.87 -5.09 6.63
CA MET H 14 16.56 -5.32 5.37
C MET H 14 16.56 -6.79 4.92
N ASP H 15 16.20 -7.02 3.66
CA ASP H 15 16.42 -8.30 3.04
C ASP H 15 16.73 -8.15 1.55
N SER H 16 17.94 -7.69 1.24
CA SER H 16 18.53 -7.92 -0.07
C SER H 16 18.91 -9.40 -0.11
N NH2 H 17 19.70 -9.85 0.88
C ACE I 1 -16.66 2.82 -5.69
O ACE I 1 -15.58 2.67 -6.25
CH3 ACE I 1 -16.86 3.77 -4.55
N LYS I 2 -17.76 2.13 -6.06
CA LYS I 2 -17.76 1.16 -7.15
C LYS I 2 -16.63 0.12 -7.08
N GLU I 3 -16.98 -1.10 -6.67
CA GLU I 3 -15.99 -2.17 -6.59
C GLU I 3 -15.73 -2.76 -7.96
N THR I 4 -14.50 -3.25 -8.19
CA THR I 4 -14.22 -4.09 -9.33
C THR I 4 -14.92 -5.44 -9.15
N ALA I 5 -15.12 -6.18 -10.24
CA ALA I 5 -15.70 -7.51 -10.18
C ALA I 5 -14.92 -8.45 -9.25
N ALA I 6 -13.58 -8.41 -9.32
CA ALA I 6 -12.74 -9.22 -8.46
C ALA I 6 -12.90 -8.93 -6.97
N ALA I 7 -12.95 -7.63 -6.62
CA ALA I 7 -13.20 -7.22 -5.24
C ALA I 7 -14.59 -7.64 -4.76
N NLE I 8 -15.60 -7.48 -5.63
CA NLE I 8 -16.95 -7.87 -5.27
C NLE I 8 -17.08 -9.37 -5.06
O NLE I 8 -17.75 -9.81 -4.12
CB NLE I 8 -17.97 -7.36 -6.28
CG NLE I 8 -19.42 -7.69 -5.91
CD NLE I 8 -20.38 -6.57 -6.20
CE NLE I 8 -21.28 -6.27 -5.03
N PHE I 9 -16.37 -10.16 -5.88
CA PHE I 9 -16.29 -11.61 -5.67
C PHE I 9 -15.73 -11.95 -4.28
N GLU I 10 -14.67 -11.23 -3.88
CA GLU I 10 -14.02 -11.49 -2.59
C GLU I 10 -14.98 -11.17 -1.45
N HRG I 11 -15.63 -10.01 -1.55
CA HRG I 11 -16.59 -9.56 -0.57
CB HRG I 11 -17.04 -8.13 -0.89
CG HRG I 11 -18.17 -6.07 0.03
CG' HRG I 11 -17.51 -7.39 0.34
CD HRG I 11 -19.53 -6.34 -0.50
NE HRG I 11 -19.80 -5.65 -1.75
CZ HRG I 11 -20.71 -6.06 -2.63
NH1 HRG I 11 -20.57 -5.68 -3.90
NH2 HRG I 11 -21.74 -6.79 -2.21
C HRG I 11 -17.79 -10.49 -0.45
O HRG I 11 -18.23 -10.82 0.66
N GLN I 12 -18.27 -10.98 -1.59
CA GLN I 12 -19.48 -11.79 -1.61
C GLN I 12 -19.24 -13.27 -1.30
N HIS I 13 -18.00 -13.75 -1.48
CA HIS I 13 -17.76 -15.19 -1.44
C HIS I 13 -16.64 -15.72 -0.55
N MET I 14 -15.72 -14.87 -0.10
CA MET I 14 -14.55 -15.37 0.64
C MET I 14 -14.81 -15.36 2.15
N ASP I 15 -14.54 -16.51 2.80
CA ASP I 15 -14.56 -16.60 4.27
C ASP I 15 -13.59 -17.67 4.79
N SER I 16 -12.30 -17.35 4.76
CA SER I 16 -11.23 -18.30 5.02
C SER I 16 -11.26 -18.83 6.45
N NH2 I 17 -11.55 -17.96 7.41
C ACE J 1 18.09 -5.42 -10.37
O ACE J 1 18.64 -4.58 -9.65
CH3 ACE J 1 18.60 -5.76 -11.74
N LYS J 2 16.99 -6.07 -9.99
CA LYS J 2 16.36 -5.88 -8.68
C LYS J 2 15.50 -4.60 -8.62
N GLU J 3 16.08 -3.45 -8.98
CA GLU J 3 15.27 -2.27 -9.19
C GLU J 3 14.71 -2.25 -10.61
N THR J 4 13.42 -1.90 -10.76
CA THR J 4 12.85 -1.69 -12.08
C THR J 4 13.49 -0.45 -12.71
N ALA J 5 13.46 -0.36 -14.05
CA ALA J 5 13.99 0.82 -14.73
C ALA J 5 13.32 2.12 -14.28
N ALA J 6 12.02 2.07 -14.00
CA ALA J 6 11.28 3.23 -13.55
C ALA J 6 11.76 3.71 -12.18
N ALA J 7 11.98 2.77 -11.26
CA ALA J 7 12.44 3.10 -9.92
C ALA J 7 13.86 3.65 -9.93
N NLE J 8 14.71 3.06 -10.79
CA NLE J 8 16.06 3.54 -10.97
C NLE J 8 16.09 4.96 -11.52
O NLE J 8 16.89 5.79 -11.06
CB NLE J 8 16.88 2.58 -11.83
CG NLE J 8 18.31 3.07 -12.02
CD NLE J 8 19.36 1.99 -12.04
CE NLE J 8 19.49 1.27 -10.71
N PHE J 9 15.19 5.27 -12.47
CA PHE J 9 15.06 6.63 -12.97
C PHE J 9 14.75 7.63 -11.84
N GLU J 10 13.82 7.27 -10.96
CA GLU J 10 13.40 8.13 -9.87
C GLU J 10 14.53 8.42 -8.87
N HRG J 11 15.20 7.35 -8.42
CA HRG J 11 16.37 7.42 -7.56
CB HRG J 11 16.88 6.01 -7.26
CG HRG J 11 18.65 4.58 -6.17
CG' HRG J 11 18.02 5.96 -6.25
CD HRG J 11 19.27 4.09 -7.48
NE HRG J 11 19.77 2.72 -7.37
CZ HRG J 11 19.76 1.80 -8.33
NH1 HRG J 11 19.80 2.19 -9.61
NH2 HRG J 11 19.75 0.53 -8.00
C HRG J 11 17.49 8.26 -8.18
O HRG J 11 18.13 9.05 -7.48
N GLN J 12 17.72 8.07 -9.48
CA GLN J 12 18.85 8.73 -10.14
C GLN J 12 18.60 10.16 -10.57
N HIS J 13 17.32 10.55 -10.73
CA HIS J 13 17.06 11.86 -11.36
C HIS J 13 16.13 12.83 -10.63
N MET J 14 15.32 12.36 -9.67
CA MET J 14 14.32 13.22 -9.06
C MET J 14 14.87 13.90 -7.81
N ASP J 15 14.75 15.23 -7.76
CA ASP J 15 15.00 15.96 -6.54
C ASP J 15 14.06 17.16 -6.45
N SER J 16 12.79 16.88 -6.14
CA SER J 16 11.72 17.89 -6.17
C SER J 16 11.97 19.04 -5.20
N NH2 J 17 12.57 18.73 -4.06
C ACE K 1 -58.38 11.44 -8.22
O ACE K 1 -59.18 11.56 -7.29
CH3 ACE K 1 -57.23 12.38 -8.40
N LYS K 2 -58.50 10.47 -9.15
CA LYS K 2 -59.57 9.48 -9.12
C LYS K 2 -59.44 8.61 -7.87
N GLU K 3 -58.21 8.18 -7.55
CA GLU K 3 -57.89 7.45 -6.35
C GLU K 3 -58.21 8.31 -5.13
N THR K 4 -58.74 7.68 -4.08
CA THR K 4 -58.95 8.37 -2.81
C THR K 4 -57.60 8.69 -2.14
N ALA K 5 -57.62 9.65 -1.22
CA ALA K 5 -56.41 10.01 -0.49
C ALA K 5 -55.85 8.84 0.32
N ALA K 6 -56.75 7.99 0.85
CA ALA K 6 -56.35 6.85 1.65
C ALA K 6 -55.68 5.78 0.79
N ALA K 7 -56.20 5.58 -0.42
CA ALA K 7 -55.61 4.64 -1.35
C ALA K 7 -54.24 5.15 -1.80
N NLE K 8 -54.16 6.45 -2.08
CA NLE K 8 -52.90 7.06 -2.50
C NLE K 8 -51.83 6.91 -1.42
O NLE K 8 -50.68 6.61 -1.73
CB NLE K 8 -53.10 8.51 -2.97
CG NLE K 8 -51.85 9.18 -3.53
CD NLE K 8 -52.09 9.96 -4.84
CE NLE K 8 -51.25 9.47 -6.02
N PHE K 9 -52.23 7.06 -0.15
CA PHE K 9 -51.33 6.84 0.98
C PHE K 9 -50.78 5.42 1.03
N GLU K 10 -51.67 4.42 0.91
CA GLU K 10 -51.24 3.03 0.90
C GLU K 10 -50.27 2.75 -0.26
N HRG K 11 -50.55 3.33 -1.42
CA HRG K 11 -49.71 3.12 -2.59
CB HRG K 11 -50.39 3.60 -3.86
CG HRG K 11 -50.37 3.43 -6.39
CG' HRG K 11 -49.70 3.04 -5.09
CD HRG K 11 -49.92 4.78 -6.88
NE HRG K 11 -50.82 5.85 -6.47
CZ HRG K 11 -50.49 7.15 -6.44
NH1 HRG K 11 -51.47 8.04 -6.29
NH2 HRG K 11 -49.25 7.50 -6.57
C HRG K 11 -48.35 3.80 -2.44
O HRG K 11 -47.33 3.22 -2.78
N GLN K 12 -48.35 5.03 -1.94
CA GLN K 12 -47.11 5.79 -1.81
C GLN K 12 -46.27 5.36 -0.61
N HIS K 13 -46.88 4.73 0.40
CA HIS K 13 -46.20 4.54 1.67
C HIS K 13 -46.26 3.16 2.33
N MET K 14 -47.15 2.28 1.88
CA MET K 14 -47.30 0.98 2.53
C MET K 14 -46.50 -0.14 1.83
N ASP K 15 -45.76 -0.91 2.63
CA ASP K 15 -45.16 -2.16 2.20
C ASP K 15 -45.06 -3.14 3.39
N SER K 16 -46.20 -3.69 3.79
CA SER K 16 -46.25 -4.50 5.01
C SER K 16 -45.31 -5.70 5.02
N NH2 K 17 -44.43 -5.74 6.01
N GLU L 3 60.57 -7.24 -8.64
CA GLU L 3 60.66 -8.68 -8.74
C GLU L 3 59.31 -9.32 -9.09
N THR L 4 59.27 -10.65 -9.09
CA THR L 4 58.08 -11.36 -9.55
C THR L 4 56.99 -11.42 -8.47
N ALA L 5 57.39 -11.55 -7.20
CA ALA L 5 56.43 -11.52 -6.12
C ALA L 5 55.94 -10.10 -5.82
N ALA L 6 56.86 -9.13 -5.96
CA ALA L 6 56.57 -7.74 -5.67
C ALA L 6 55.74 -7.07 -6.76
N ALA L 7 56.08 -7.34 -8.02
CA ALA L 7 55.28 -6.89 -9.15
C ALA L 7 53.89 -7.52 -9.11
N NLE L 8 53.83 -8.81 -8.76
CA NLE L 8 52.57 -9.53 -8.65
C NLE L 8 51.67 -8.94 -7.56
O NLE L 8 50.45 -8.88 -7.74
CB NLE L 8 52.80 -11.03 -8.41
CG NLE L 8 51.53 -11.85 -8.20
CD NLE L 8 51.50 -13.14 -9.00
CE NLE L 8 50.47 -13.13 -10.13
N PHE L 9 52.27 -8.52 -6.45
CA PHE L 9 51.53 -7.87 -5.37
C PHE L 9 50.92 -6.56 -5.87
N GLU L 10 51.70 -5.79 -6.63
CA GLU L 10 51.20 -4.55 -7.20
C GLU L 10 50.03 -4.81 -8.15
N HRG L 11 50.20 -5.80 -9.03
CA HRG L 11 49.12 -6.18 -9.94
CB HRG L 11 49.60 -7.22 -10.96
CG HRG L 11 49.22 -8.07 -13.34
CG' HRG L 11 48.74 -7.15 -12.22
CD HRG L 11 48.86 -9.53 -13.12
NE HRG L 11 49.81 -10.20 -12.24
CZ HRG L 11 49.57 -11.33 -11.56
NH1 HRG L 11 50.60 -11.98 -11.00
NH2 HRG L 11 48.35 -11.77 -11.46
C HRG L 11 47.86 -6.65 -9.22
O HRG L 11 46.76 -6.26 -9.59
N GLN L 12 48.03 -7.47 -8.16
CA GLN L 12 46.88 -8.02 -7.46
C GLN L 12 46.20 -7.03 -6.51
N HIS L 13 46.93 -6.02 -6.01
CA HIS L 13 46.41 -5.23 -4.90
C HIS L 13 46.48 -3.71 -5.01
N MET L 14 47.27 -3.19 -5.96
CA MET L 14 47.47 -1.75 -6.02
C MET L 14 46.52 -1.03 -6.99
N ASP L 15 45.96 0.11 -6.53
CA ASP L 15 45.15 0.98 -7.38
C ASP L 15 45.22 2.43 -6.89
N SER L 16 46.38 3.05 -7.07
CA SER L 16 46.65 4.39 -6.54
C SER L 16 45.61 5.43 -6.93
N NH2 L 17 45.33 5.55 -8.23
S SO4 M . -7.57 6.19 13.89
O1 SO4 M . -6.74 7.34 13.52
O2 SO4 M . -8.46 6.53 15.01
O3 SO4 M . -6.70 5.16 14.50
O4 SO4 M . -8.30 5.65 12.75
S SO4 N . -4.27 -10.24 -3.50
O1 SO4 N . -4.16 -11.16 -2.36
O2 SO4 N . -4.66 -10.97 -4.72
O3 SO4 N . -5.39 -9.28 -3.32
O4 SO4 N . -3.04 -9.43 -3.62
S SO4 O . -25.12 2.82 9.44
O1 SO4 O . -26.32 2.03 9.74
O2 SO4 O . -25.10 3.15 8.01
O3 SO4 O . -25.20 4.02 10.32
O4 SO4 O . -23.88 2.09 9.76
S SO4 P . 4.96 16.03 -4.62
O1 SO4 P . 6.17 16.67 -4.07
O2 SO4 P . 4.05 17.06 -5.15
O3 SO4 P . 5.39 15.10 -5.67
O4 SO4 P . 4.27 15.26 -3.57
S SO4 Q . 3.75 7.10 -8.37
O1 SO4 Q . 4.79 6.19 -7.87
O2 SO4 Q . 2.41 6.52 -8.15
O3 SO4 Q . 3.88 8.40 -7.69
O4 SO4 Q . 4.02 7.15 -9.83
S SO4 R . 8.81 -0.73 15.26
O1 SO4 R . 9.50 -1.62 16.20
O2 SO4 R . 7.76 -1.48 14.56
O3 SO4 R . 8.23 0.41 15.99
O4 SO4 R . 9.75 -0.21 14.24
S SO4 S . -27.19 2.21 -1.43
O1 SO4 S . -28.03 1.03 -1.16
O2 SO4 S . -27.26 2.57 -2.85
O3 SO4 S . -27.75 3.25 -0.55
O4 SO4 S . -25.77 1.96 -1.09
S SO4 T . -21.80 -13.90 -8.23
O1 SO4 T . -22.46 -13.62 -6.96
O2 SO4 T . -21.96 -12.76 -9.14
O3 SO4 T . -22.32 -15.17 -8.79
O4 SO4 T . -20.36 -14.06 -7.98
S SO4 U . 9.93 27.75 -25.51
O1 SO4 U . 9.88 26.98 -24.25
O2 SO4 U . 8.87 28.75 -25.49
O3 SO4 U . 11.23 28.47 -25.47
O4 SO4 U . 9.94 26.79 -26.64
S SO4 V . 19.58 29.01 -16.89
O1 SO4 V . 19.82 28.70 -15.48
O2 SO4 V . 18.36 29.82 -17.04
O3 SO4 V . 20.72 29.85 -17.34
O4 SO4 V . 19.53 27.79 -17.73
S SO4 W . 22.72 16.26 -21.49
O1 SO4 W . 21.70 16.03 -20.45
O2 SO4 W . 22.42 17.49 -22.23
O3 SO4 W . 24.03 16.38 -20.80
O4 SO4 W . 22.77 15.12 -22.43
S SO4 X . -52.04 -5.87 6.08
O1 SO4 X . -53.00 -5.71 7.19
O2 SO4 X . -52.76 -6.16 4.83
O3 SO4 X . -51.28 -4.64 5.78
O4 SO4 X . -51.09 -6.95 6.43
S SO4 Y . -46.53 19.36 -9.10
O1 SO4 Y . -46.21 18.00 -8.64
O2 SO4 Y . -47.97 19.62 -8.96
O3 SO4 Y . -45.80 20.36 -8.29
O4 SO4 Y . -46.11 19.48 -10.52
S SO4 Z . -47.54 12.21 0.92
O1 SO4 Z . -48.90 11.68 1.07
O2 SO4 Z . -47.56 13.58 0.38
O3 SO4 Z . -46.86 12.16 2.23
O4 SO4 Z . -46.86 11.39 -0.11
S SO4 AA . 52.32 5.63 -7.54
O1 SO4 AA . 51.82 4.30 -7.14
O2 SO4 AA . 51.66 6.06 -8.78
O3 SO4 AA . 52.02 6.61 -6.48
O4 SO4 AA . 53.79 5.54 -7.71
S SO4 BA . -17.61 4.53 22.01
O1 SO4 BA . -18.19 3.47 22.83
O2 SO4 BA . -17.83 4.22 20.59
O3 SO4 BA . -18.30 5.79 22.36
O4 SO4 BA . -16.17 4.68 22.29
S SO4 CA . 19.95 6.99 -17.27
O1 SO4 CA . 19.30 5.67 -17.32
O2 SO4 CA . 18.94 8.03 -17.14
O3 SO4 CA . 20.77 7.06 -16.05
O4 SO4 CA . 20.85 7.16 -18.43
S SO4 DA . 48.09 -12.43 -2.08
O1 SO4 DA . 47.95 -11.78 -0.76
O2 SO4 DA . 47.38 -11.66 -3.11
O3 SO4 DA . 49.54 -12.52 -2.36
O4 SO4 DA . 47.47 -13.78 -2.06
#